data_3WDX
#
_entry.id   3WDX
#
_cell.length_a   114.149
_cell.length_b   93.575
_cell.length_c   75.393
_cell.angle_alpha   90.00
_cell.angle_beta   117.60
_cell.angle_gamma   90.00
#
_symmetry.space_group_name_H-M   'C 1 2 1'
#
loop_
_entity.id
_entity.type
_entity.pdbx_description
1 polymer Beta-1,3-1,4-glucanase
2 branched beta-D-glucopyranose-(1-4)-beta-D-glucopyranose-(1-3)-beta-D-glucopyranose
3 branched beta-D-glucopyranose-(1-4)-beta-D-glucopyranose-(1-3)-alpha-D-glucopyranose
4 water water
#
_entity_poly.entity_id   1
_entity_poly.type   'polypeptide(L)'
_entity_poly.pdbx_seq_one_letter_code
;EFYHLVDDYGRGNGFFDKFNFFTGDDPTHGYVDYVSRDVAAGAGLIGERDGRTYMGVDFTNPASGRGRRSVRLESKNTYE
HGLIVIDLAHMPGSVCGTWPAFWTLGTGDWPYGGAIDIIEGVNDNTFNHMVLHTSDGCTIDNDGFTGNLKTSNCYVYAPG
QDANAGCGIEATDPNSYGKGFNSIGGGIYATEITPNGISIWFFPRGSEPGDVLGDNPNPANWDTPAAKFAGGGCDWEGKF
NAQRLIFDVTFCGDWAGNVWGIGGCASRAANCVDFVRDNPSAFAESYWLVNSLRVYAP
;
_entity_poly.pdbx_strand_id   A,B
#
loop_
_chem_comp.id
_chem_comp.type
_chem_comp.name
_chem_comp.formula
BGC D-saccharide, beta linking beta-D-glucopyranose 'C6 H12 O6'
GLC D-saccharide, alpha linking alpha-D-glucopyranose 'C6 H12 O6'
#
# COMPACT_ATOMS: atom_id res chain seq x y z
N GLU A 1 -30.47 17.76 -17.85
CA GLU A 1 -30.47 16.28 -17.73
C GLU A 1 -29.18 15.79 -17.08
N PHE A 2 -29.29 15.30 -15.84
CA PHE A 2 -28.20 14.80 -15.01
C PHE A 2 -27.57 15.84 -14.09
N TYR A 3 -26.62 16.63 -14.62
CA TYR A 3 -25.98 17.68 -13.87
C TYR A 3 -25.89 19.02 -14.61
N HIS A 4 -25.85 20.10 -13.83
CA HIS A 4 -25.71 21.45 -14.43
C HIS A 4 -24.65 22.26 -13.69
N LEU A 5 -23.93 23.10 -14.41
CA LEU A 5 -22.89 23.93 -13.81
C LEU A 5 -23.47 24.88 -12.77
N VAL A 6 -22.78 25.02 -11.64
CA VAL A 6 -23.20 25.96 -10.62
C VAL A 6 -22.05 26.92 -10.36
N ASP A 7 -20.82 26.49 -10.65
CA ASP A 7 -19.66 27.37 -10.45
C ASP A 7 -18.42 27.01 -11.27
N ASP A 8 -17.98 27.94 -12.12
CA ASP A 8 -16.76 27.76 -12.90
C ASP A 8 -15.81 28.73 -12.20
N TYR A 9 -14.77 28.19 -11.57
CA TYR A 9 -13.83 29.01 -10.82
C TYR A 9 -12.93 29.94 -11.64
N GLY A 10 -12.96 29.80 -12.95
CA GLY A 10 -12.14 30.66 -13.78
C GLY A 10 -10.66 30.43 -13.61
N ARG A 11 -9.88 31.50 -13.64
CA ARG A 11 -8.43 31.40 -13.53
C ARG A 11 -7.83 32.68 -12.93
N GLY A 12 -6.57 32.57 -12.50
CA GLY A 12 -5.88 33.73 -11.94
C GLY A 12 -6.58 34.43 -10.79
N ASN A 13 -6.56 35.76 -10.82
CA ASN A 13 -7.18 36.57 -9.77
C ASN A 13 -8.67 36.32 -9.60
N GLY A 14 -9.34 35.96 -10.70
CA GLY A 14 -10.77 35.68 -10.60
C GLY A 14 -10.97 34.41 -9.82
N PHE A 15 -10.01 33.49 -9.96
CA PHE A 15 -10.00 32.20 -9.28
C PHE A 15 -9.67 32.46 -7.80
N PHE A 16 -8.60 33.19 -7.55
CA PHE A 16 -8.21 33.48 -6.17
C PHE A 16 -9.26 34.26 -5.39
N ASP A 17 -10.05 35.07 -6.08
CA ASP A 17 -11.10 35.85 -5.43
C ASP A 17 -12.18 34.94 -4.83
N LYS A 18 -12.21 33.69 -5.28
CA LYS A 18 -13.23 32.76 -4.80
C LYS A 18 -12.77 31.95 -3.59
N PHE A 19 -11.59 32.27 -3.07
CA PHE A 19 -11.05 31.56 -1.91
C PHE A 19 -10.57 32.50 -0.82
N ASN A 20 -10.56 31.99 0.41
CA ASN A 20 -10.04 32.73 1.55
C ASN A 20 -8.68 32.09 1.79
N PHE A 21 -7.65 32.90 2.03
CA PHE A 21 -6.32 32.36 2.28
C PHE A 21 -6.11 32.16 3.78
N PHE A 22 -5.94 30.90 4.17
CA PHE A 22 -5.71 30.52 5.55
C PHE A 22 -4.27 30.88 5.95
N THR A 23 -4.11 31.59 7.07
CA THR A 23 -2.78 31.98 7.51
C THR A 23 -2.48 31.60 8.97
N GLY A 24 -3.35 30.80 9.57
CA GLY A 24 -3.12 30.39 10.94
C GLY A 24 -2.07 29.29 10.99
N ASP A 25 -1.70 28.88 12.21
CA ASP A 25 -0.75 27.80 12.37
C ASP A 25 -1.39 26.57 11.73
N ASP A 26 -0.59 25.73 11.12
CA ASP A 26 -1.12 24.53 10.46
C ASP A 26 -1.88 23.59 11.41
N PRO A 27 -3.14 23.28 11.09
CA PRO A 27 -3.92 22.38 11.95
C PRO A 27 -3.28 20.99 12.00
N THR A 28 -2.49 20.64 10.98
CA THR A 28 -1.85 19.33 10.99
C THR A 28 -0.42 19.42 11.52
N HIS A 29 -0.12 20.55 12.16
CA HIS A 29 1.15 20.80 12.82
C HIS A 29 2.42 20.66 11.99
N GLY A 30 2.33 20.94 10.69
CA GLY A 30 3.50 20.83 9.84
C GLY A 30 4.44 22.01 9.95
N TYR A 31 5.62 21.83 9.34
CA TYR A 31 6.66 22.86 9.32
C TYR A 31 6.34 23.72 8.11
N VAL A 32 5.23 24.44 8.19
CA VAL A 32 4.78 25.28 7.08
C VAL A 32 4.40 26.66 7.56
N ASP A 33 4.61 27.64 6.69
CA ASP A 33 4.27 29.02 7.01
C ASP A 33 3.26 29.47 5.95
N TYR A 34 1.97 29.33 6.27
CA TYR A 34 0.90 29.71 5.35
C TYR A 34 0.79 31.23 5.28
N VAL A 35 1.03 31.78 4.09
CA VAL A 35 0.99 33.23 3.90
C VAL A 35 -0.24 33.77 3.20
N SER A 36 -0.44 35.08 3.33
CA SER A 36 -1.57 35.76 2.73
C SER A 36 -1.44 35.80 1.21
N ARG A 37 -2.52 36.18 0.55
CA ARG A 37 -2.54 36.27 -0.91
C ARG A 37 -1.49 37.27 -1.39
N ASP A 38 -1.40 38.42 -0.74
CA ASP A 38 -0.44 39.45 -1.13
C ASP A 38 1.01 38.99 -0.96
N VAL A 39 1.30 38.34 0.16
CA VAL A 39 2.66 37.84 0.40
C VAL A 39 2.97 36.72 -0.58
N ALA A 40 1.98 35.87 -0.82
CA ALA A 40 2.15 34.76 -1.76
C ALA A 40 2.47 35.28 -3.16
N ALA A 41 1.70 36.27 -3.63
CA ALA A 41 1.95 36.83 -4.95
C ALA A 41 3.34 37.45 -5.01
N GLY A 42 3.74 38.09 -3.91
CA GLY A 42 5.05 38.73 -3.86
C GLY A 42 6.22 37.75 -3.83
N ALA A 43 5.92 36.52 -3.45
CA ALA A 43 6.94 35.47 -3.39
C ALA A 43 6.86 34.51 -4.57
N GLY A 44 5.93 34.76 -5.49
CA GLY A 44 5.76 33.89 -6.64
C GLY A 44 5.08 32.56 -6.30
N LEU A 45 4.38 32.49 -5.19
CA LEU A 45 3.68 31.26 -4.81
C LEU A 45 2.35 31.08 -5.48
N ILE A 46 1.79 32.15 -6.02
CA ILE A 46 0.53 32.09 -6.75
C ILE A 46 0.58 32.98 -7.98
N GLY A 47 -0.28 32.72 -8.95
CA GLY A 47 -0.33 33.53 -10.14
C GLY A 47 -0.96 32.77 -11.28
N GLU A 48 -0.77 33.29 -12.49
CA GLU A 48 -1.32 32.65 -13.67
C GLU A 48 -0.13 32.25 -14.54
N ARG A 49 -0.23 31.09 -15.16
CA ARG A 49 0.84 30.58 -16.01
C ARG A 49 0.20 30.14 -17.33
N ASP A 50 0.31 31.00 -18.34
CA ASP A 50 -0.24 30.71 -19.66
C ASP A 50 -1.70 30.26 -19.57
N GLY A 51 -2.51 31.04 -18.87
CA GLY A 51 -3.92 30.74 -18.74
C GLY A 51 -4.31 29.74 -17.66
N ARG A 52 -3.31 29.10 -17.04
CA ARG A 52 -3.57 28.13 -15.97
C ARG A 52 -3.29 28.78 -14.62
N THR A 53 -3.94 28.30 -13.57
CA THR A 53 -3.73 28.89 -12.24
C THR A 53 -2.67 28.14 -11.44
N TYR A 54 -1.69 28.90 -10.96
CA TYR A 54 -0.56 28.36 -10.20
C TYR A 54 -0.63 28.58 -8.69
N MET A 55 -0.31 27.52 -7.95
CA MET A 55 -0.27 27.56 -6.49
C MET A 55 0.88 26.63 -6.06
N GLY A 56 1.98 27.23 -5.61
CA GLY A 56 3.12 26.43 -5.21
C GLY A 56 3.71 26.83 -3.87
N VAL A 57 4.94 26.39 -3.60
CA VAL A 57 5.62 26.71 -2.35
C VAL A 57 6.97 27.38 -2.58
N ASP A 58 7.56 27.89 -1.50
CA ASP A 58 8.88 28.55 -1.57
C ASP A 58 9.95 27.48 -1.82
N PHE A 59 10.60 27.50 -2.98
CA PHE A 59 11.65 26.53 -3.26
C PHE A 59 12.97 27.27 -3.47
N THR A 60 13.01 28.47 -2.93
CA THR A 60 14.17 29.35 -3.07
C THR A 60 14.95 29.60 -1.77
N ASN A 61 14.24 30.01 -0.73
CA ASN A 61 14.87 30.36 0.54
C ASN A 61 14.93 29.32 1.63
N PRO A 62 16.02 29.31 2.41
CA PRO A 62 16.12 28.35 3.51
C PRO A 62 14.97 28.79 4.40
N ALA A 63 14.24 27.85 4.98
CA ALA A 63 13.09 28.20 5.80
C ALA A 63 13.46 28.76 7.19
N SER A 64 12.52 29.50 7.77
CA SER A 64 12.69 30.09 9.10
C SER A 64 11.31 30.23 9.71
N GLY A 65 11.25 30.62 10.98
CA GLY A 65 9.95 30.78 11.62
C GLY A 65 9.13 29.50 11.65
N ARG A 66 7.83 29.64 11.38
CA ARG A 66 6.90 28.51 11.39
C ARG A 66 7.25 27.36 10.44
N GLY A 67 7.95 27.67 9.35
CA GLY A 67 8.31 26.65 8.40
C GLY A 67 8.41 27.19 6.99
N ARG A 68 8.46 26.30 6.01
CA ARG A 68 8.57 26.68 4.61
C ARG A 68 7.25 27.33 4.16
N ARG A 69 7.36 28.45 3.44
CA ARG A 69 6.18 29.17 2.99
C ARG A 69 5.35 28.43 1.94
N SER A 70 4.03 28.49 2.12
CA SER A 70 3.09 27.81 1.25
C SER A 70 1.76 28.56 1.37
N VAL A 71 0.73 28.07 0.69
CA VAL A 71 -0.58 28.69 0.77
C VAL A 71 -1.65 27.62 0.96
N ARG A 72 -2.74 28.02 1.62
CA ARG A 72 -3.86 27.12 1.86
C ARG A 72 -5.11 27.92 1.51
N LEU A 73 -5.75 27.56 0.40
CA LEU A 73 -6.95 28.24 -0.06
C LEU A 73 -8.20 27.43 0.27
N GLU A 74 -9.18 28.10 0.88
CA GLU A 74 -10.43 27.46 1.25
C GLU A 74 -11.55 28.23 0.56
N SER A 75 -12.34 27.54 -0.26
CA SER A 75 -13.41 28.20 -1.00
C SER A 75 -14.40 28.95 -0.15
N LYS A 76 -14.86 30.08 -0.67
CA LYS A 76 -15.84 30.90 0.03
C LYS A 76 -17.20 30.23 -0.02
N ASN A 77 -17.48 29.55 -1.13
CA ASN A 77 -18.76 28.86 -1.31
C ASN A 77 -18.65 27.41 -0.86
N THR A 78 -19.78 26.84 -0.42
CA THR A 78 -19.80 25.45 0.03
C THR A 78 -20.86 24.71 -0.77
N TYR A 79 -20.77 23.38 -0.78
CA TYR A 79 -21.69 22.55 -1.54
C TYR A 79 -22.20 21.33 -0.77
N GLU A 80 -23.53 21.14 -0.77
CA GLU A 80 -24.15 20.01 -0.09
C GLU A 80 -23.94 18.75 -0.94
N HIS A 81 -24.50 18.75 -2.14
CA HIS A 81 -24.38 17.63 -3.06
C HIS A 81 -23.88 18.17 -4.38
N GLY A 82 -23.27 17.32 -5.20
CA GLY A 82 -22.79 17.79 -6.47
C GLY A 82 -21.65 16.99 -7.06
N LEU A 83 -21.02 17.57 -8.08
CA LEU A 83 -19.92 16.96 -8.78
C LEU A 83 -18.80 17.99 -8.86
N ILE A 84 -17.65 17.68 -8.29
CA ILE A 84 -16.50 18.58 -8.32
C ILE A 84 -15.52 18.04 -9.35
N VAL A 85 -15.26 18.82 -10.39
CA VAL A 85 -14.35 18.38 -11.44
C VAL A 85 -13.15 19.29 -11.55
N ILE A 86 -11.97 18.71 -11.38
CA ILE A 86 -10.74 19.49 -11.48
C ILE A 86 -9.84 18.91 -12.55
N ASP A 87 -9.38 19.77 -13.44
CA ASP A 87 -8.49 19.37 -14.53
C ASP A 87 -7.13 19.99 -14.17
N LEU A 88 -6.17 19.15 -13.86
CA LEU A 88 -4.83 19.60 -13.47
C LEU A 88 -3.74 19.28 -14.48
N ALA A 89 -2.94 20.28 -14.82
CA ALA A 89 -1.82 20.07 -15.72
C ALA A 89 -0.66 19.58 -14.87
N HIS A 90 -0.69 19.92 -13.58
CA HIS A 90 0.39 19.57 -12.68
C HIS A 90 -0.10 19.61 -11.23
N MET A 91 0.43 18.70 -10.40
CA MET A 91 0.07 18.70 -8.99
C MET A 91 1.38 18.59 -8.22
N PRO A 92 1.36 18.90 -6.92
CA PRO A 92 2.61 18.80 -6.15
C PRO A 92 3.26 17.44 -6.35
N GLY A 93 4.55 17.43 -6.64
CA GLY A 93 5.25 16.19 -6.89
C GLY A 93 5.42 15.26 -5.69
N SER A 94 6.02 14.10 -5.94
CA SER A 94 6.28 13.10 -4.91
C SER A 94 7.58 13.51 -4.24
N VAL A 95 7.57 14.72 -3.66
CA VAL A 95 8.75 15.29 -3.01
C VAL A 95 8.86 14.98 -1.53
N CYS A 96 10.00 14.46 -1.12
CA CYS A 96 10.24 14.13 0.28
C CYS A 96 9.97 15.32 1.19
N GLY A 97 9.23 15.06 2.28
CA GLY A 97 8.91 16.09 3.23
C GLY A 97 7.59 16.81 3.00
N THR A 98 7.04 16.70 1.79
CA THR A 98 5.78 17.39 1.50
C THR A 98 4.53 16.58 1.79
N TRP A 99 3.41 17.30 1.88
CA TRP A 99 2.12 16.71 2.16
C TRP A 99 1.06 17.58 1.49
N PRO A 100 0.87 17.41 0.18
CA PRO A 100 -0.12 18.18 -0.59
C PRO A 100 -1.50 17.57 -0.50
N ALA A 101 -2.52 18.39 -0.73
CA ALA A 101 -3.89 17.88 -0.69
C ALA A 101 -4.90 18.80 -1.34
N PHE A 102 -5.81 18.19 -2.11
CA PHE A 102 -6.92 18.91 -2.71
C PHE A 102 -8.04 18.14 -2.03
N TRP A 103 -8.83 18.83 -1.21
CA TRP A 103 -9.88 18.16 -0.47
C TRP A 103 -11.04 19.07 -0.14
N THR A 104 -12.04 18.52 0.55
CA THR A 104 -13.19 19.29 0.95
C THR A 104 -13.39 19.10 2.44
N LEU A 105 -13.90 20.15 3.07
CA LEU A 105 -14.15 20.15 4.51
C LEU A 105 -15.55 20.63 4.80
N GLY A 106 -16.30 19.86 5.59
CA GLY A 106 -17.65 20.23 5.93
C GLY A 106 -17.69 21.42 6.88
N THR A 107 -18.85 22.05 7.00
CA THR A 107 -18.98 23.20 7.89
C THR A 107 -19.27 22.70 9.30
N GLY A 108 -19.02 23.54 10.30
CA GLY A 108 -19.26 23.13 11.66
C GLY A 108 -18.06 22.48 12.31
N ASP A 109 -18.22 22.01 13.54
CA ASP A 109 -17.13 21.41 14.29
C ASP A 109 -16.64 20.08 13.75
N TRP A 110 -15.32 19.92 13.75
CA TRP A 110 -14.68 18.71 13.30
C TRP A 110 -15.02 17.62 14.32
N PRO A 111 -15.29 16.39 13.86
CA PRO A 111 -15.32 15.93 12.46
C PRO A 111 -16.76 15.70 12.00
N TYR A 112 -17.71 16.33 12.68
CA TYR A 112 -19.13 16.14 12.37
C TYR A 112 -19.57 16.60 10.99
N GLY A 113 -18.76 17.44 10.35
CA GLY A 113 -19.11 17.92 9.02
C GLY A 113 -18.55 17.01 7.94
N GLY A 114 -17.68 16.10 8.34
CA GLY A 114 -17.05 15.19 7.40
C GLY A 114 -15.97 15.91 6.60
N ALA A 115 -15.14 15.12 5.92
CA ALA A 115 -14.08 15.68 5.07
C ALA A 115 -13.79 14.68 3.98
N ILE A 116 -13.41 15.18 2.81
CA ILE A 116 -13.11 14.32 1.68
C ILE A 116 -11.74 14.62 1.07
N ASP A 117 -10.82 13.68 1.15
CA ASP A 117 -9.50 13.86 0.55
C ASP A 117 -9.55 13.28 -0.86
N ILE A 118 -9.58 14.16 -1.84
CA ILE A 118 -9.66 13.76 -3.24
C ILE A 118 -8.27 13.42 -3.77
N ILE A 119 -7.32 14.30 -3.50
CA ILE A 119 -5.94 14.07 -3.90
C ILE A 119 -5.11 14.33 -2.65
N GLU A 120 -4.40 13.32 -2.18
CA GLU A 120 -3.57 13.47 -0.98
C GLU A 120 -2.48 12.42 -0.93
N GLY A 121 -1.34 12.81 -0.38
CA GLY A 121 -0.22 11.91 -0.26
C GLY A 121 0.90 12.60 0.50
N VAL A 122 1.95 11.85 0.81
CA VAL A 122 3.07 12.44 1.52
C VAL A 122 4.38 11.93 0.95
N ASN A 123 5.42 12.71 1.19
CA ASN A 123 6.78 12.39 0.81
C ASN A 123 6.95 11.79 -0.59
N ASP A 124 7.50 10.59 -0.70
CA ASP A 124 7.69 10.02 -2.03
C ASP A 124 6.61 9.03 -2.47
N ASN A 125 5.38 9.25 -2.01
CA ASN A 125 4.25 8.38 -2.38
C ASN A 125 4.12 8.30 -3.90
N THR A 126 3.68 7.13 -4.37
CA THR A 126 3.49 6.86 -5.79
C THR A 126 2.02 6.92 -6.20
N PHE A 127 1.16 6.35 -5.35
CA PHE A 127 -0.28 6.28 -5.62
C PHE A 127 -1.10 7.26 -4.80
N ASN A 128 -2.17 7.77 -5.42
CA ASN A 128 -3.04 8.70 -4.73
C ASN A 128 -3.83 7.92 -3.69
N HIS A 129 -4.17 8.59 -2.59
CA HIS A 129 -4.96 7.97 -1.54
C HIS A 129 -6.19 8.83 -1.33
N MET A 130 -7.36 8.25 -1.60
CA MET A 130 -8.65 8.93 -1.46
C MET A 130 -9.26 8.47 -0.14
N VAL A 131 -9.52 9.44 0.72
CA VAL A 131 -10.00 9.16 2.08
C VAL A 131 -11.12 10.04 2.61
N LEU A 132 -11.98 9.46 3.45
CA LEU A 132 -13.05 10.19 4.09
C LEU A 132 -12.77 10.22 5.59
N HIS A 133 -13.20 11.29 6.25
CA HIS A 133 -13.03 11.46 7.69
C HIS A 133 -14.39 11.86 8.25
N THR A 134 -14.88 11.10 9.22
CA THR A 134 -16.18 11.38 9.79
C THR A 134 -16.28 11.13 11.28
N SER A 135 -17.46 11.37 11.83
CA SER A 135 -17.73 11.11 13.23
C SER A 135 -17.96 9.60 13.27
N ASP A 136 -18.20 9.04 14.44
CA ASP A 136 -18.40 7.60 14.56
C ASP A 136 -19.66 7.09 13.87
N GLY A 137 -19.61 5.85 13.39
CA GLY A 137 -20.75 5.25 12.72
C GLY A 137 -20.75 5.34 11.21
N CYS A 138 -19.59 5.20 10.59
CA CYS A 138 -19.49 5.27 9.13
C CYS A 138 -18.38 4.36 8.61
N THR A 139 -18.79 3.27 7.96
CA THR A 139 -17.86 2.31 7.37
C THR A 139 -18.30 2.09 5.92
N ILE A 140 -17.37 1.67 5.07
CA ILE A 140 -17.66 1.48 3.65
C ILE A 140 -17.55 0.04 3.13
N ASP A 141 -18.22 -0.21 2.00
CA ASP A 141 -18.22 -1.53 1.38
C ASP A 141 -16.98 -1.70 0.49
N ASN A 142 -16.77 -2.92 -0.01
CA ASN A 142 -15.60 -3.22 -0.84
C ASN A 142 -15.76 -3.18 -2.35
N ASP A 143 -16.96 -2.91 -2.85
CA ASP A 143 -17.13 -2.92 -4.30
C ASP A 143 -17.49 -1.62 -4.98
N GLY A 144 -17.39 -1.64 -6.30
CA GLY A 144 -17.72 -0.47 -7.10
C GLY A 144 -16.56 0.44 -7.43
N PHE A 145 -15.32 0.01 -7.17
CA PHE A 145 -14.16 0.83 -7.47
C PHE A 145 -12.96 0.02 -7.91
N THR A 146 -12.04 0.65 -8.64
CA THR A 146 -10.85 -0.01 -9.15
C THR A 146 -9.68 0.01 -8.17
N GLY A 147 -9.70 0.96 -7.24
CA GLY A 147 -8.63 1.07 -6.28
C GLY A 147 -8.63 -0.06 -5.26
N ASN A 148 -7.68 -0.02 -4.33
CA ASN A 148 -7.60 -1.04 -3.30
C ASN A 148 -7.84 -0.43 -1.93
N LEU A 149 -8.91 -0.88 -1.28
CA LEU A 149 -9.28 -0.39 0.03
C LEU A 149 -8.20 -0.67 1.06
N LYS A 150 -7.81 0.36 1.81
CA LYS A 150 -6.79 0.22 2.84
C LYS A 150 -7.45 0.17 4.22
N THR A 151 -8.43 1.05 4.45
CA THR A 151 -9.15 1.08 5.72
C THR A 151 -10.65 1.27 5.45
N SER A 152 -11.47 0.54 6.18
CA SER A 152 -12.92 0.58 5.97
C SER A 152 -13.74 1.43 6.94
N ASN A 153 -13.12 1.91 8.01
CA ASN A 153 -13.84 2.74 8.99
C ASN A 153 -13.44 4.21 8.84
N CYS A 154 -14.39 5.08 8.52
CA CYS A 154 -14.14 6.51 8.31
C CYS A 154 -14.03 7.34 9.59
N TYR A 155 -14.46 6.79 10.72
CA TYR A 155 -14.41 7.50 12.00
C TYR A 155 -12.96 7.87 12.34
N VAL A 156 -12.74 9.13 12.71
CA VAL A 156 -11.39 9.60 13.03
C VAL A 156 -10.71 8.83 14.16
N TYR A 157 -11.49 8.15 15.00
CA TYR A 157 -10.89 7.34 16.07
C TYR A 157 -11.29 5.87 15.96
N ALA A 158 -11.40 5.39 14.73
CA ALA A 158 -11.76 4.00 14.49
C ALA A 158 -10.76 3.11 15.25
N PRO A 159 -11.27 2.19 16.10
CA PRO A 159 -10.54 1.24 16.95
C PRO A 159 -9.08 0.85 16.68
N GLY A 160 -8.85 0.08 15.63
CA GLY A 160 -7.48 -0.35 15.35
C GLY A 160 -6.74 0.43 14.28
N GLN A 161 -7.28 1.58 13.92
CA GLN A 161 -6.66 2.43 12.90
C GLN A 161 -5.88 3.57 13.53
N ASP A 162 -4.85 4.04 12.84
CA ASP A 162 -4.08 5.17 13.35
C ASP A 162 -5.07 6.31 13.48
N ALA A 163 -4.81 7.23 14.40
CA ALA A 163 -5.70 8.37 14.61
C ALA A 163 -5.90 9.14 13.32
N ASN A 164 -7.17 9.40 13.01
CA ASN A 164 -7.57 10.12 11.82
C ASN A 164 -7.09 9.51 10.51
N ALA A 165 -6.95 8.20 10.47
CA ALA A 165 -6.54 7.54 9.24
C ALA A 165 -7.75 7.59 8.29
N GLY A 166 -8.94 7.59 8.87
CA GLY A 166 -10.14 7.62 8.07
C GLY A 166 -10.28 6.36 7.25
N CYS A 167 -11.25 6.34 6.33
CA CYS A 167 -11.47 5.19 5.46
C CYS A 167 -10.85 5.54 4.11
N GLY A 168 -9.72 4.93 3.79
CA GLY A 168 -9.05 5.24 2.54
C GLY A 168 -8.92 4.15 1.50
N ILE A 169 -8.90 4.59 0.25
CA ILE A 169 -8.76 3.70 -0.89
C ILE A 169 -7.56 4.19 -1.71
N GLU A 170 -6.65 3.27 -2.03
CA GLU A 170 -5.45 3.59 -2.79
C GLU A 170 -5.62 3.34 -4.28
N ALA A 171 -5.28 4.34 -5.10
CA ALA A 171 -5.38 4.20 -6.55
C ALA A 171 -4.40 3.12 -7.00
N THR A 172 -4.68 2.50 -8.15
CA THR A 172 -3.82 1.46 -8.67
C THR A 172 -2.91 1.98 -9.77
N ASP A 173 -3.25 3.16 -10.31
CA ASP A 173 -2.45 3.78 -11.37
C ASP A 173 -1.31 4.60 -10.77
N PRO A 174 -0.06 4.26 -11.13
CA PRO A 174 1.10 5.00 -10.60
C PRO A 174 1.18 6.45 -11.10
N ASN A 175 0.29 6.81 -12.03
CA ASN A 175 0.26 8.17 -12.55
C ASN A 175 -0.90 8.93 -11.90
N SER A 176 -1.46 8.36 -10.84
CA SER A 176 -2.57 8.97 -10.14
C SER A 176 -2.12 10.06 -9.16
N TYR A 177 -0.81 10.14 -8.94
CA TYR A 177 -0.29 11.09 -7.98
C TYR A 177 1.15 11.53 -8.25
N GLY A 178 1.47 12.73 -7.79
CA GLY A 178 2.82 13.27 -7.90
C GLY A 178 3.61 13.12 -9.18
N LYS A 179 4.80 12.55 -9.04
CA LYS A 179 5.74 12.35 -10.15
C LYS A 179 5.10 11.75 -11.41
N GLY A 180 4.48 10.59 -11.26
CA GLY A 180 3.85 9.95 -12.40
C GLY A 180 2.79 10.83 -13.03
N PHE A 181 1.94 11.40 -12.16
CA PHE A 181 0.86 12.28 -12.60
C PHE A 181 1.40 13.43 -13.45
N ASN A 182 2.44 14.09 -12.96
CA ASN A 182 3.02 15.20 -13.70
C ASN A 182 3.72 14.77 -14.98
N SER A 183 4.35 13.60 -14.96
CA SER A 183 5.05 13.11 -16.15
C SER A 183 4.13 12.92 -17.36
N ILE A 184 2.85 12.63 -17.13
CA ILE A 184 1.92 12.45 -18.24
C ILE A 184 1.12 13.71 -18.53
N GLY A 185 1.46 14.80 -17.88
CA GLY A 185 0.73 16.04 -18.12
C GLY A 185 -0.55 16.13 -17.30
N GLY A 186 -0.58 15.41 -16.19
CA GLY A 186 -1.74 15.47 -15.32
C GLY A 186 -2.97 14.70 -15.74
N GLY A 187 -4.12 15.23 -15.36
CA GLY A 187 -5.36 14.56 -15.69
C GLY A 187 -6.54 15.20 -15.00
N ILE A 188 -7.62 14.45 -14.89
CA ILE A 188 -8.83 14.95 -14.27
C ILE A 188 -9.33 14.10 -13.11
N TYR A 189 -9.72 14.77 -12.03
CA TYR A 189 -10.28 14.11 -10.86
C TYR A 189 -11.69 14.66 -10.70
N ALA A 190 -12.68 13.77 -10.76
CA ALA A 190 -14.07 14.15 -10.61
C ALA A 190 -14.56 13.50 -9.33
N THR A 191 -15.21 14.29 -8.48
CA THR A 191 -15.72 13.80 -7.22
C THR A 191 -17.22 14.06 -7.12
N GLU A 192 -17.98 12.99 -6.85
CA GLU A 192 -19.42 13.12 -6.74
C GLU A 192 -19.92 12.84 -5.33
N ILE A 193 -20.68 13.78 -4.78
CA ILE A 193 -21.25 13.65 -3.44
C ILE A 193 -22.76 13.56 -3.54
N THR A 194 -23.33 12.46 -3.04
CA THR A 194 -24.77 12.26 -3.06
C THR A 194 -25.24 11.76 -1.70
N PRO A 195 -26.56 11.72 -1.46
CA PRO A 195 -27.04 11.23 -0.16
C PRO A 195 -26.86 9.73 0.01
N ASN A 196 -26.30 9.07 -1.01
CA ASN A 196 -26.06 7.62 -0.96
C ASN A 196 -24.59 7.26 -1.02
N GLY A 197 -23.71 8.25 -1.01
CA GLY A 197 -22.30 7.94 -1.06
C GLY A 197 -21.48 8.91 -1.86
N ILE A 198 -20.18 8.65 -1.91
CA ILE A 198 -19.23 9.49 -2.61
C ILE A 198 -18.38 8.64 -3.56
N SER A 199 -18.10 9.19 -4.75
CA SER A 199 -17.30 8.49 -5.74
C SER A 199 -16.25 9.42 -6.32
N ILE A 200 -15.08 8.87 -6.60
CA ILE A 200 -13.98 9.66 -7.16
C ILE A 200 -13.38 8.95 -8.37
N TRP A 201 -13.36 9.66 -9.49
CA TRP A 201 -12.83 9.14 -10.74
C TRP A 201 -11.52 9.84 -11.06
N PHE A 202 -10.55 9.07 -11.57
CA PHE A 202 -9.29 9.64 -12.00
C PHE A 202 -9.10 9.28 -13.47
N PHE A 203 -9.07 10.30 -14.32
CA PHE A 203 -8.87 10.11 -15.75
C PHE A 203 -7.51 10.66 -16.16
N PRO A 204 -6.52 9.80 -16.36
CA PRO A 204 -5.20 10.33 -16.77
C PRO A 204 -5.34 11.11 -18.08
N ARG A 205 -4.49 12.12 -18.26
CA ARG A 205 -4.52 12.97 -19.45
C ARG A 205 -4.94 12.29 -20.77
N GLY A 206 -5.98 12.84 -21.39
CA GLY A 206 -6.46 12.32 -22.66
C GLY A 206 -7.42 11.13 -22.61
N SER A 207 -7.63 10.55 -21.43
CA SER A 207 -8.52 9.40 -21.31
C SER A 207 -9.89 9.74 -20.76
N GLU A 208 -10.12 11.02 -20.46
CA GLU A 208 -11.39 11.45 -19.87
C GLU A 208 -12.59 11.30 -20.81
N PRO A 209 -13.79 11.18 -20.24
CA PRO A 209 -15.00 11.04 -21.06
C PRO A 209 -15.26 12.39 -21.73
N GLY A 210 -15.94 12.35 -22.87
CA GLY A 210 -16.20 13.57 -23.61
C GLY A 210 -17.07 14.63 -22.96
N ASP A 211 -17.78 14.29 -21.89
CA ASP A 211 -18.66 15.27 -21.23
C ASP A 211 -18.20 15.76 -19.86
N VAL A 212 -17.06 15.27 -19.40
CA VAL A 212 -16.55 15.64 -18.07
C VAL A 212 -16.27 17.14 -17.88
N LEU A 213 -15.97 17.84 -18.97
CA LEU A 213 -15.69 19.27 -18.88
C LEU A 213 -16.82 20.13 -19.42
N GLY A 214 -17.84 19.48 -19.97
CA GLY A 214 -18.97 20.18 -20.55
C GLY A 214 -20.04 20.72 -19.62
N ASP A 215 -21.18 21.08 -20.22
CA ASP A 215 -22.31 21.64 -19.49
C ASP A 215 -23.09 20.63 -18.65
N ASN A 216 -23.15 19.38 -19.10
CA ASN A 216 -23.91 18.38 -18.35
C ASN A 216 -23.23 17.02 -18.26
N PRO A 217 -22.21 16.90 -17.40
CA PRO A 217 -21.51 15.63 -17.27
C PRO A 217 -22.45 14.59 -16.68
N ASN A 218 -22.27 13.33 -17.06
CA ASN A 218 -23.09 12.25 -16.55
C ASN A 218 -22.24 11.08 -16.07
N PRO A 219 -21.89 11.07 -14.77
CA PRO A 219 -21.08 10.02 -14.15
C PRO A 219 -21.65 8.62 -14.32
N ALA A 220 -22.97 8.52 -14.44
CA ALA A 220 -23.61 7.22 -14.60
C ALA A 220 -23.00 6.43 -15.76
N ASN A 221 -22.55 7.13 -16.80
CA ASN A 221 -21.97 6.44 -17.95
C ASN A 221 -20.44 6.40 -18.00
N TRP A 222 -19.79 6.83 -16.93
CA TRP A 222 -18.33 6.81 -16.89
C TRP A 222 -17.83 5.43 -16.48
N ASP A 223 -16.54 5.18 -16.71
CA ASP A 223 -15.95 3.91 -16.32
C ASP A 223 -15.97 3.84 -14.79
N THR A 224 -15.61 2.68 -14.26
CA THR A 224 -15.58 2.48 -12.81
C THR A 224 -14.72 3.51 -12.10
N PRO A 225 -15.23 4.11 -11.02
CA PRO A 225 -14.44 5.11 -10.29
C PRO A 225 -13.22 4.49 -9.61
N ALA A 226 -12.24 5.32 -9.28
CA ALA A 226 -11.03 4.84 -8.63
C ALA A 226 -11.38 4.48 -7.18
N ALA A 227 -12.31 5.23 -6.62
CA ALA A 227 -12.74 4.99 -5.24
C ALA A 227 -14.23 5.25 -5.08
N LYS A 228 -14.90 4.39 -4.33
CA LYS A 228 -16.33 4.58 -4.08
C LYS A 228 -16.53 4.32 -2.60
N PHE A 229 -17.24 5.23 -1.96
CA PHE A 229 -17.51 5.14 -0.54
C PHE A 229 -19.01 5.03 -0.41
N ALA A 230 -19.50 3.82 -0.12
CA ALA A 230 -20.93 3.60 0.00
C ALA A 230 -21.23 2.38 0.86
N GLY A 231 -22.51 2.14 1.12
CA GLY A 231 -22.90 1.00 1.92
C GLY A 231 -23.86 1.36 3.02
N GLY A 232 -24.53 0.35 3.59
CA GLY A 232 -25.49 0.61 4.65
C GLY A 232 -24.84 0.89 5.99
N GLY A 233 -23.52 0.79 6.05
CA GLY A 233 -22.82 1.05 7.29
C GLY A 233 -22.55 2.53 7.56
N CYS A 234 -23.19 3.41 6.80
CA CYS A 234 -22.97 4.85 7.00
C CYS A 234 -24.17 5.68 6.57
N ASP A 235 -24.51 6.69 7.37
CA ASP A 235 -25.60 7.60 7.02
C ASP A 235 -24.90 8.67 6.19
N TRP A 236 -24.78 8.41 4.89
CA TRP A 236 -24.08 9.33 3.99
C TRP A 236 -24.60 10.75 4.00
N GLU A 237 -25.91 10.92 4.08
CA GLU A 237 -26.49 12.25 4.10
C GLU A 237 -26.16 12.97 5.40
N GLY A 238 -26.24 12.27 6.52
CA GLY A 238 -25.97 12.90 7.80
C GLY A 238 -24.53 13.12 8.21
N LYS A 239 -23.62 12.28 7.72
CA LYS A 239 -22.20 12.40 8.07
C LYS A 239 -21.47 13.53 7.38
N PHE A 240 -22.05 14.04 6.30
CA PHE A 240 -21.43 15.14 5.56
C PHE A 240 -22.41 16.28 5.35
N ASN A 241 -21.97 17.51 5.62
CA ASN A 241 -22.82 18.66 5.36
C ASN A 241 -22.11 19.50 4.29
N ALA A 242 -22.48 20.76 4.15
CA ALA A 242 -21.87 21.63 3.14
C ALA A 242 -20.34 21.57 3.16
N GLN A 243 -19.75 21.26 2.01
CA GLN A 243 -18.31 21.15 1.88
C GLN A 243 -17.65 22.33 1.16
N ARG A 244 -16.52 22.79 1.67
CA ARG A 244 -15.79 23.85 1.00
C ARG A 244 -14.54 23.20 0.42
N LEU A 245 -14.10 23.72 -0.73
CA LEU A 245 -12.94 23.18 -1.42
C LEU A 245 -11.62 23.74 -0.87
N ILE A 246 -10.64 22.86 -0.69
CA ILE A 246 -9.36 23.30 -0.15
C ILE A 246 -8.14 22.80 -0.93
N PHE A 247 -7.19 23.71 -1.12
CA PHE A 247 -5.92 23.43 -1.79
C PHE A 247 -4.86 23.74 -0.75
N ASP A 248 -3.90 22.84 -0.57
CA ASP A 248 -2.81 23.14 0.36
C ASP A 248 -1.61 22.23 0.14
N VAL A 249 -0.48 22.69 0.66
CA VAL A 249 0.73 21.89 0.63
C VAL A 249 1.39 22.20 1.98
N THR A 250 1.41 21.21 2.86
CA THR A 250 2.06 21.42 4.14
C THR A 250 3.32 20.58 4.11
N PHE A 251 4.12 20.64 5.16
CA PHE A 251 5.37 19.89 5.25
C PHE A 251 5.43 19.15 6.58
N CYS A 252 6.05 17.97 6.57
CA CYS A 252 6.20 17.18 7.79
C CYS A 252 4.86 17.06 8.52
N GLY A 253 4.83 17.38 9.81
CA GLY A 253 3.57 17.32 10.53
C GLY A 253 3.05 15.94 10.90
N ASP A 254 1.78 15.90 11.30
CA ASP A 254 1.12 14.67 11.74
C ASP A 254 1.39 13.42 10.93
N TRP A 255 1.30 13.53 9.61
CA TRP A 255 1.52 12.38 8.76
C TRP A 255 2.92 12.34 8.17
N ALA A 256 3.23 13.22 7.22
CA ALA A 256 4.54 13.22 6.57
C ALA A 256 5.71 13.21 7.55
N GLY A 257 5.62 14.04 8.58
CA GLY A 257 6.69 14.10 9.56
C GLY A 257 6.90 12.83 10.37
N ASN A 258 5.80 12.15 10.69
CA ASN A 258 5.87 10.92 11.48
C ASN A 258 6.28 9.66 10.70
N VAL A 259 6.10 9.67 9.38
CA VAL A 259 6.50 8.51 8.58
C VAL A 259 7.79 8.79 7.81
N TRP A 260 8.35 9.97 7.99
CA TRP A 260 9.58 10.35 7.32
C TRP A 260 10.68 9.30 7.50
N GLY A 261 10.93 8.93 8.76
CA GLY A 261 11.96 7.95 9.06
C GLY A 261 11.69 6.49 8.74
N ILE A 262 10.48 6.17 8.28
CA ILE A 262 10.18 4.77 7.98
C ILE A 262 10.28 4.45 6.49
N GLY A 263 9.96 5.43 5.65
CA GLY A 263 10.00 5.22 4.20
C GLY A 263 11.30 5.48 3.48
N GLY A 264 11.20 5.66 2.16
CA GLY A 264 12.38 5.90 1.34
C GLY A 264 13.04 7.26 1.49
N CYS A 265 12.45 8.16 2.25
CA CYS A 265 13.03 9.49 2.44
C CYS A 265 13.96 9.54 3.65
N ALA A 266 13.89 8.51 4.48
CA ALA A 266 14.69 8.42 5.71
C ALA A 266 16.15 8.80 5.57
N SER A 267 16.79 8.37 4.49
CA SER A 267 18.20 8.65 4.26
C SER A 267 18.56 10.10 3.86
N ARG A 268 17.56 10.91 3.53
CA ARG A 268 17.78 12.28 3.10
C ARG A 268 18.23 13.24 4.19
N ALA A 269 17.79 12.98 5.41
CA ALA A 269 18.14 13.81 6.55
C ALA A 269 17.70 13.06 7.82
N ALA A 270 18.23 13.46 8.97
CA ALA A 270 17.89 12.80 10.22
C ALA A 270 16.38 12.91 10.42
N ASN A 271 15.83 14.07 10.06
CA ASN A 271 14.41 14.29 10.20
C ASN A 271 13.82 15.21 9.17
N CYS A 272 12.51 15.10 8.97
CA CYS A 272 11.77 15.89 8.02
C CYS A 272 12.02 17.38 8.10
N VAL A 273 11.91 17.97 9.28
CA VAL A 273 12.11 19.40 9.42
C VAL A 273 13.47 19.89 8.92
N ASP A 274 14.55 19.20 9.29
CA ASP A 274 15.87 19.61 8.84
C ASP A 274 15.93 19.62 7.31
N PHE A 275 15.36 18.59 6.69
CA PHE A 275 15.37 18.51 5.23
C PHE A 275 14.63 19.67 4.59
N VAL A 276 13.39 19.89 5.03
CA VAL A 276 12.56 20.95 4.48
C VAL A 276 13.17 22.35 4.70
N ARG A 277 13.78 22.54 5.86
CA ARG A 277 14.39 23.83 6.16
C ARG A 277 15.63 24.16 5.32
N ASP A 278 16.51 23.19 5.14
CA ASP A 278 17.77 23.41 4.43
C ASP A 278 17.87 23.06 2.95
N ASN A 279 16.81 22.50 2.36
CA ASN A 279 16.87 22.10 0.96
C ASN A 279 15.72 22.72 0.14
N PRO A 280 15.70 24.06 0.05
CA PRO A 280 14.62 24.72 -0.70
C PRO A 280 14.44 24.24 -2.14
N SER A 281 15.54 24.02 -2.85
CA SER A 281 15.45 23.59 -4.25
C SER A 281 14.73 22.26 -4.47
N ALA A 282 14.59 21.46 -3.42
CA ALA A 282 13.91 20.18 -3.57
C ALA A 282 12.41 20.33 -3.83
N PHE A 283 11.88 21.52 -3.56
CA PHE A 283 10.45 21.76 -3.67
C PHE A 283 9.92 22.46 -4.91
N ALA A 284 10.73 22.51 -5.96
CA ALA A 284 10.32 23.16 -7.20
C ALA A 284 9.06 22.50 -7.77
N GLU A 285 8.97 21.17 -7.68
CA GLU A 285 7.82 20.45 -8.21
C GLU A 285 6.57 20.48 -7.34
N SER A 286 6.65 21.11 -6.17
CA SER A 286 5.51 21.14 -5.27
C SER A 286 4.49 22.23 -5.59
N TYR A 287 3.87 22.16 -6.77
CA TYR A 287 2.88 23.16 -7.15
C TYR A 287 1.68 22.60 -7.91
N TRP A 288 0.54 23.28 -7.78
CA TRP A 288 -0.68 22.90 -8.49
C TRP A 288 -0.71 23.80 -9.72
N LEU A 289 -1.21 23.27 -10.82
CA LEU A 289 -1.36 24.06 -12.04
C LEU A 289 -2.73 23.64 -12.57
N VAL A 290 -3.72 24.49 -12.33
CA VAL A 290 -5.11 24.23 -12.70
C VAL A 290 -5.55 24.66 -14.10
N ASN A 291 -6.08 23.71 -14.86
CA ASN A 291 -6.59 24.03 -16.19
C ASN A 291 -8.00 24.56 -15.96
N SER A 292 -8.72 23.90 -15.07
CA SER A 292 -10.09 24.31 -14.74
C SER A 292 -10.63 23.61 -13.50
N LEU A 293 -11.51 24.31 -12.79
CA LEU A 293 -12.16 23.80 -11.59
C LEU A 293 -13.62 24.20 -11.75
N ARG A 294 -14.49 23.20 -11.90
CA ARG A 294 -15.90 23.44 -12.09
C ARG A 294 -16.73 22.57 -11.17
N VAL A 295 -17.76 23.16 -10.58
CA VAL A 295 -18.64 22.44 -9.67
C VAL A 295 -20.04 22.38 -10.27
N TYR A 296 -20.65 21.21 -10.21
CA TYR A 296 -21.99 20.98 -10.76
C TYR A 296 -22.95 20.52 -9.67
N ALA A 297 -24.23 20.60 -9.95
CA ALA A 297 -25.26 20.16 -9.01
C ALA A 297 -26.32 19.36 -9.75
N PRO A 298 -26.93 18.37 -9.08
CA PRO A 298 -27.96 17.55 -9.72
C PRO A 298 -29.20 18.37 -10.04
N GLU B 1 29.54 -21.46 -15.95
CA GLU B 1 28.31 -21.61 -15.09
C GLU B 1 28.43 -20.77 -13.81
N PHE B 2 27.33 -20.27 -13.29
CA PHE B 2 27.45 -19.50 -12.05
C PHE B 2 26.65 -20.12 -10.91
N TYR B 3 25.68 -20.96 -11.26
CA TYR B 3 24.89 -21.62 -10.25
C TYR B 3 24.74 -23.09 -10.59
N HIS B 4 24.79 -23.91 -9.54
CA HIS B 4 24.64 -25.34 -9.73
C HIS B 4 23.69 -25.89 -8.67
N LEU B 5 22.84 -26.84 -9.07
CA LEU B 5 21.87 -27.47 -8.20
C LEU B 5 22.50 -28.12 -6.97
N VAL B 6 21.99 -27.78 -5.79
CA VAL B 6 22.48 -28.37 -4.55
C VAL B 6 21.33 -29.11 -3.87
N ASP B 7 20.09 -28.78 -4.25
CA ASP B 7 18.94 -29.45 -3.66
C ASP B 7 17.67 -29.37 -4.49
N ASP B 8 17.22 -30.51 -4.99
CA ASP B 8 15.97 -30.56 -5.73
C ASP B 8 15.03 -31.23 -4.73
N TYR B 9 13.94 -30.56 -4.38
CA TYR B 9 13.00 -31.09 -3.39
C TYR B 9 12.00 -32.14 -3.84
N GLY B 10 12.03 -32.50 -5.12
CA GLY B 10 11.12 -33.52 -5.61
C GLY B 10 9.64 -33.22 -5.41
N ARG B 11 8.87 -34.24 -5.04
CA ARG B 11 7.44 -34.06 -4.85
C ARG B 11 6.82 -35.09 -3.91
N GLY B 12 5.61 -34.81 -3.43
CA GLY B 12 4.94 -35.75 -2.54
C GLY B 12 5.76 -36.12 -1.32
N ASN B 13 5.69 -37.39 -0.93
CA ASN B 13 6.43 -37.86 0.23
C ASN B 13 7.92 -37.54 0.16
N GLY B 14 8.48 -37.56 -1.04
CA GLY B 14 9.89 -37.24 -1.20
C GLY B 14 10.17 -35.81 -0.80
N PHE B 15 9.19 -34.94 -1.07
CA PHE B 15 9.27 -33.52 -0.75
C PHE B 15 9.13 -33.36 0.77
N PHE B 16 8.13 -34.00 1.34
CA PHE B 16 7.90 -33.92 2.78
C PHE B 16 9.03 -34.51 3.59
N ASP B 17 9.74 -35.49 3.04
CA ASP B 17 10.86 -36.11 3.75
C ASP B 17 12.00 -35.13 3.93
N LYS B 18 11.96 -34.02 3.18
CA LYS B 18 13.02 -33.03 3.29
C LYS B 18 12.68 -31.90 4.26
N PHE B 19 11.55 -32.03 4.95
CA PHE B 19 11.13 -31.01 5.91
C PHE B 19 10.77 -31.57 7.28
N ASN B 20 10.91 -30.73 8.30
CA ASN B 20 10.54 -31.08 9.65
C ASN B 20 9.21 -30.35 9.86
N PHE B 21 8.23 -31.04 10.44
CA PHE B 21 6.94 -30.40 10.68
C PHE B 21 6.88 -29.78 12.07
N PHE B 22 6.73 -28.47 12.10
CA PHE B 22 6.65 -27.70 13.34
C PHE B 22 5.27 -27.93 13.97
N THR B 23 5.22 -28.25 15.26
CA THR B 23 3.94 -28.48 15.91
C THR B 23 3.76 -27.71 17.21
N GLY B 24 4.67 -26.78 17.50
CA GLY B 24 4.55 -26.01 18.71
C GLY B 24 3.55 -24.88 18.51
N ASP B 25 3.25 -24.15 19.58
CA ASP B 25 2.32 -23.04 19.49
C ASP B 25 2.89 -22.05 18.48
N ASP B 26 2.02 -21.43 17.70
CA ASP B 26 2.47 -20.47 16.70
C ASP B 26 3.24 -19.30 17.30
N PRO B 27 4.47 -19.06 16.84
CA PRO B 27 5.27 -17.95 17.36
C PRO B 27 4.60 -16.61 17.11
N THR B 28 3.79 -16.51 16.06
CA THR B 28 3.09 -15.27 15.75
C THR B 28 1.72 -15.20 16.43
N HIS B 29 1.47 -16.16 17.31
CA HIS B 29 0.24 -16.23 18.11
C HIS B 29 -1.09 -16.30 17.37
N GLY B 30 -1.10 -16.93 16.21
CA GLY B 30 -2.35 -17.03 15.48
C GLY B 30 -3.27 -18.09 16.02
N TYR B 31 -4.51 -18.09 15.54
CA TYR B 31 -5.52 -19.08 15.94
C TYR B 31 -5.31 -20.25 14.99
N VAL B 32 -4.19 -20.94 15.16
CA VAL B 32 -3.83 -22.05 14.30
C VAL B 32 -3.38 -23.25 15.11
N ASP B 33 -3.62 -24.44 14.56
CA ASP B 33 -3.22 -25.68 15.21
C ASP B 33 -2.31 -26.42 14.23
N TYR B 34 -1.00 -26.21 14.36
CA TYR B 34 -0.03 -26.87 13.50
C TYR B 34 0.06 -28.35 13.85
N VAL B 35 -0.28 -29.19 12.90
CA VAL B 35 -0.27 -30.63 13.13
C VAL B 35 0.92 -31.37 12.52
N SER B 36 1.13 -32.60 13.01
CA SER B 36 2.21 -33.44 12.55
C SER B 36 1.94 -33.89 11.13
N ARG B 37 2.96 -34.46 10.50
CA ARG B 37 2.83 -34.95 9.14
C ARG B 37 1.76 -36.04 9.04
N ASP B 38 1.73 -36.94 10.02
CA ASP B 38 0.74 -38.02 10.00
C ASP B 38 -0.68 -37.49 10.13
N VAL B 39 -0.90 -36.61 11.11
CA VAL B 39 -2.22 -36.02 11.31
C VAL B 39 -2.61 -35.23 10.06
N ALA B 40 -1.66 -34.49 9.51
CA ALA B 40 -1.91 -33.70 8.30
C ALA B 40 -2.38 -34.60 7.16
N ALA B 41 -1.63 -35.67 6.89
CA ALA B 41 -2.00 -36.58 5.82
C ALA B 41 -3.37 -37.17 6.06
N GLY B 42 -3.68 -37.47 7.32
CA GLY B 42 -4.96 -38.05 7.67
C GLY B 42 -6.13 -37.10 7.50
N ALA B 43 -5.84 -35.79 7.53
CA ALA B 43 -6.87 -34.77 7.39
C ALA B 43 -6.89 -34.16 5.99
N GLY B 44 -6.05 -34.69 5.11
CA GLY B 44 -6.00 -34.18 3.74
C GLY B 44 -5.31 -32.83 3.60
N LEU B 45 -4.49 -32.45 4.60
CA LEU B 45 -3.79 -31.17 4.57
C LEU B 45 -2.51 -31.20 3.74
N ILE B 46 -2.00 -32.39 3.44
CA ILE B 46 -0.81 -32.52 2.61
C ILE B 46 -0.98 -33.71 1.70
N GLY B 47 -0.23 -33.74 0.61
CA GLY B 47 -0.32 -34.85 -0.32
C GLY B 47 0.22 -34.48 -1.68
N GLU B 48 -0.15 -35.27 -2.68
CA GLU B 48 0.30 -35.02 -4.03
C GLU B 48 -0.97 -34.92 -4.88
N ARG B 49 -1.00 -33.95 -5.77
CA ARG B 49 -2.15 -33.74 -6.64
C ARG B 49 -1.62 -33.69 -8.08
N ASP B 50 -1.80 -34.79 -8.80
CA ASP B 50 -1.35 -34.90 -10.18
C ASP B 50 0.12 -34.47 -10.36
N GLY B 51 1.00 -35.01 -9.52
CA GLY B 51 2.40 -34.68 -9.62
C GLY B 51 2.88 -33.42 -8.90
N ARG B 52 1.95 -32.62 -8.40
CA ARG B 52 2.33 -31.41 -7.67
C ARG B 52 2.17 -31.66 -6.18
N THR B 53 2.94 -30.94 -5.37
CA THR B 53 2.87 -31.12 -3.92
C THR B 53 1.89 -30.14 -3.29
N TYR B 54 0.93 -30.70 -2.55
CA TYR B 54 -0.12 -29.94 -1.90
C TYR B 54 0.07 -29.75 -0.40
N MET B 55 -0.13 -28.52 0.04
CA MET B 55 -0.03 -28.17 1.46
C MET B 55 -1.15 -27.14 1.71
N GLY B 56 -2.17 -27.54 2.45
CA GLY B 56 -3.27 -26.64 2.73
C GLY B 56 -3.74 -26.64 4.18
N VAL B 57 -4.96 -26.16 4.40
CA VAL B 57 -5.53 -26.11 5.75
C VAL B 57 -6.89 -26.79 5.83
N ASP B 58 -7.36 -26.97 7.06
CA ASP B 58 -8.66 -27.59 7.32
C ASP B 58 -9.74 -26.60 6.89
N PHE B 59 -10.56 -26.97 5.90
CA PHE B 59 -11.63 -26.08 5.46
C PHE B 59 -12.95 -26.84 5.57
N THR B 60 -12.96 -27.85 6.43
CA THR B 60 -14.13 -28.69 6.64
C THR B 60 -14.75 -28.57 8.03
N ASN B 61 -13.91 -28.63 9.05
CA ASN B 61 -14.36 -28.61 10.45
C ASN B 61 -14.38 -27.30 11.23
N PRO B 62 -15.41 -27.09 12.06
CA PRO B 62 -15.45 -25.87 12.84
C PRO B 62 -14.17 -26.02 13.67
N ALA B 63 -13.44 -24.93 13.90
CA ALA B 63 -12.18 -25.03 14.64
C ALA B 63 -12.37 -25.21 16.15
N SER B 64 -11.34 -25.76 16.78
CA SER B 64 -11.35 -25.97 18.23
C SER B 64 -9.92 -26.00 18.74
N GLY B 65 -9.75 -26.14 20.05
CA GLY B 65 -8.41 -26.18 20.61
C GLY B 65 -7.59 -24.94 20.29
N ARG B 66 -6.35 -25.17 19.84
CA ARG B 66 -5.43 -24.07 19.50
C ARG B 66 -5.87 -23.21 18.30
N GLY B 67 -6.71 -23.76 17.43
CA GLY B 67 -7.16 -23.01 16.27
C GLY B 67 -7.42 -23.89 15.07
N ARG B 68 -7.54 -23.29 13.88
CA ARG B 68 -7.79 -24.06 12.68
C ARG B 68 -6.54 -24.84 12.29
N ARG B 69 -6.71 -26.12 11.97
CA ARG B 69 -5.57 -26.96 11.62
C ARG B 69 -4.86 -26.56 10.32
N SER B 70 -3.53 -26.61 10.40
CA SER B 70 -2.68 -26.25 9.27
C SER B 70 -1.32 -26.92 9.49
N VAL B 71 -0.36 -26.63 8.61
CA VAL B 71 0.98 -27.19 8.74
C VAL B 71 2.03 -26.11 8.53
N ARG B 72 3.19 -26.33 9.14
CA ARG B 72 4.32 -25.42 9.02
C ARG B 72 5.53 -26.31 8.79
N LEU B 73 6.04 -26.29 7.56
CA LEU B 73 7.19 -27.12 7.22
C LEU B 73 8.47 -26.29 7.17
N GLU B 74 9.50 -26.77 7.85
CA GLU B 74 10.80 -26.10 7.90
C GLU B 74 11.83 -27.08 7.36
N SER B 75 12.50 -26.69 6.28
CA SER B 75 13.49 -27.55 5.64
C SER B 75 14.59 -28.03 6.57
N LYS B 76 14.99 -29.29 6.40
CA LYS B 76 16.04 -29.88 7.21
C LYS B 76 17.38 -29.26 6.82
N ASN B 77 17.55 -29.01 5.52
CA ASN B 77 18.79 -28.41 5.01
C ASN B 77 18.77 -26.89 5.09
N THR B 78 19.94 -26.29 5.24
CA THR B 78 20.04 -24.83 5.30
C THR B 78 20.99 -24.35 4.21
N TYR B 79 20.88 -23.08 3.84
CA TYR B 79 21.71 -22.50 2.79
C TYR B 79 22.05 -21.05 3.12
N GLU B 80 23.33 -20.68 2.97
CA GLU B 80 23.74 -19.31 3.23
C GLU B 80 23.68 -18.51 1.94
N HIS B 81 24.50 -18.88 0.97
CA HIS B 81 24.50 -18.18 -0.31
C HIS B 81 23.85 -19.08 -1.35
N GLY B 82 23.01 -18.51 -2.19
CA GLY B 82 22.37 -19.32 -3.21
C GLY B 82 21.17 -18.69 -3.90
N LEU B 83 20.51 -19.52 -4.69
CA LEU B 83 19.32 -19.12 -5.44
C LEU B 83 18.21 -20.13 -5.15
N ILE B 84 17.09 -19.64 -4.65
CA ILE B 84 15.94 -20.47 -4.33
C ILE B 84 14.85 -20.23 -5.36
N VAL B 85 14.51 -21.25 -6.14
CA VAL B 85 13.48 -21.10 -7.16
C VAL B 85 12.29 -21.98 -6.87
N ILE B 86 11.12 -21.37 -6.73
CA ILE B 86 9.90 -22.13 -6.49
C ILE B 86 8.89 -21.84 -7.59
N ASP B 87 8.38 -22.90 -8.18
CA ASP B 87 7.39 -22.81 -9.25
C ASP B 87 6.07 -23.26 -8.63
N LEU B 88 5.14 -22.33 -8.46
CA LEU B 88 3.86 -22.63 -7.85
C LEU B 88 2.68 -22.58 -8.80
N ALA B 89 1.85 -23.62 -8.77
CA ALA B 89 0.67 -23.66 -9.60
C ALA B 89 -0.47 -22.97 -8.83
N HIS B 90 -0.31 -22.88 -7.50
CA HIS B 90 -1.33 -22.28 -6.64
C HIS B 90 -0.72 -21.92 -5.28
N MET B 91 -1.19 -20.83 -4.68
CA MET B 91 -0.71 -20.41 -3.35
C MET B 91 -1.94 -20.09 -2.53
N PRO B 92 -1.79 -20.00 -1.20
CA PRO B 92 -2.96 -19.68 -0.38
C PRO B 92 -3.61 -18.39 -0.90
N GLY B 93 -4.93 -18.44 -1.08
CA GLY B 93 -5.64 -17.28 -1.60
C GLY B 93 -5.74 -16.09 -0.70
N SER B 94 -6.34 -15.02 -1.23
CA SER B 94 -6.53 -13.79 -0.46
C SER B 94 -7.75 -14.03 0.42
N VAL B 95 -7.64 -14.98 1.34
CA VAL B 95 -8.75 -15.33 2.22
C VAL B 95 -8.70 -14.62 3.57
N CYS B 96 -9.82 -13.98 3.93
CA CYS B 96 -9.93 -13.27 5.18
C CYS B 96 -9.55 -14.13 6.38
N GLY B 97 -8.72 -13.57 7.24
CA GLY B 97 -8.28 -14.28 8.43
C GLY B 97 -7.02 -15.10 8.27
N THR B 98 -6.58 -15.32 7.04
CA THR B 98 -5.37 -16.11 6.82
C THR B 98 -4.10 -15.27 6.74
N TRP B 99 -2.96 -15.94 6.90
CA TRP B 99 -1.66 -15.30 6.88
C TRP B 99 -0.66 -16.33 6.37
N PRO B 100 -0.62 -16.55 5.05
CA PRO B 100 0.28 -17.51 4.44
C PRO B 100 1.68 -16.93 4.26
N ALA B 101 2.67 -17.81 4.13
CA ALA B 101 4.03 -17.36 3.93
C ALA B 101 4.99 -18.43 3.48
N PHE B 102 5.84 -18.07 2.52
CA PHE B 102 6.90 -18.93 2.04
C PHE B 102 8.05 -18.00 2.37
N TRP B 103 8.95 -18.46 3.24
CA TRP B 103 10.05 -17.62 3.68
C TRP B 103 11.26 -18.43 4.13
N THR B 104 12.33 -17.73 4.46
CA THR B 104 13.54 -18.39 4.95
C THR B 104 13.83 -17.85 6.34
N LEU B 105 14.49 -18.67 7.13
CA LEU B 105 14.81 -18.29 8.50
C LEU B 105 16.24 -18.68 8.86
N GLY B 106 17.01 -17.70 9.32
CA GLY B 106 18.38 -17.95 9.70
C GLY B 106 18.46 -18.90 10.87
N THR B 107 19.67 -19.40 11.13
CA THR B 107 19.90 -20.33 12.22
C THR B 107 20.29 -19.54 13.47
N GLY B 108 19.95 -20.09 14.63
CA GLY B 108 20.30 -19.40 15.89
C GLY B 108 19.20 -18.50 16.43
N ASP B 109 19.49 -17.80 17.51
CA ASP B 109 18.53 -16.90 18.13
C ASP B 109 18.03 -15.81 17.20
N TRP B 110 16.73 -15.56 17.30
CA TRP B 110 16.06 -14.54 16.50
C TRP B 110 16.48 -13.16 17.02
N PRO B 111 16.75 -12.21 16.12
CA PRO B 111 16.70 -12.32 14.66
C PRO B 111 18.10 -12.23 14.05
N TYR B 112 19.11 -12.61 14.84
CA TYR B 112 20.51 -12.51 14.42
C TYR B 112 20.92 -13.28 13.17
N GLY B 113 20.10 -14.23 12.74
CA GLY B 113 20.42 -14.99 11.55
C GLY B 113 19.65 -14.45 10.35
N GLY B 114 18.74 -13.52 10.64
CA GLY B 114 17.94 -12.93 9.57
C GLY B 114 16.79 -13.82 9.14
N ALA B 115 15.89 -13.25 8.34
CA ALA B 115 14.74 -13.97 7.81
C ALA B 115 14.28 -13.25 6.56
N ILE B 116 13.89 -14.01 5.54
CA ILE B 116 13.43 -13.44 4.28
C ILE B 116 12.02 -13.91 3.94
N ASP B 117 11.08 -12.96 3.83
CA ASP B 117 9.72 -13.29 3.46
C ASP B 117 9.64 -13.10 1.94
N ILE B 118 9.59 -14.23 1.23
CA ILE B 118 9.53 -14.25 -0.23
C ILE B 118 8.09 -14.02 -0.69
N ILE B 119 7.16 -14.77 -0.10
CA ILE B 119 5.75 -14.64 -0.40
C ILE B 119 5.04 -14.53 0.95
N GLU B 120 4.35 -13.41 1.18
CA GLU B 120 3.65 -13.23 2.44
C GLU B 120 2.56 -12.17 2.35
N GLY B 121 1.50 -12.34 3.12
CA GLY B 121 0.42 -11.39 3.11
C GLY B 121 -0.63 -11.84 4.11
N VAL B 122 -1.68 -11.04 4.28
CA VAL B 122 -2.74 -11.39 5.20
C VAL B 122 -4.12 -11.05 4.65
N ASN B 123 -5.12 -11.72 5.20
CA ASN B 123 -6.51 -11.50 4.84
C ASN B 123 -6.78 -11.33 3.35
N ASP B 124 -7.40 -10.22 2.95
CA ASP B 124 -7.70 -10.05 1.53
C ASP B 124 -6.69 -9.24 0.74
N ASN B 125 -5.42 -9.34 1.13
CA ASN B 125 -4.35 -8.62 0.43
C ASN B 125 -4.35 -8.97 -1.06
N THR B 126 -3.97 -8.00 -1.88
CA THR B 126 -3.92 -8.15 -3.33
C THR B 126 -2.49 -8.31 -3.85
N PHE B 127 -1.58 -7.55 -3.27
CA PHE B 127 -0.17 -7.54 -3.67
C PHE B 127 0.73 -8.28 -2.69
N ASN B 128 1.78 -8.90 -3.23
CA ASN B 128 2.71 -9.61 -2.38
C ASN B 128 3.65 -8.60 -1.72
N HIS B 129 4.06 -8.89 -0.49
CA HIS B 129 4.98 -8.03 0.23
C HIS B 129 6.21 -8.82 0.61
N MET B 130 7.34 -8.46 -0.01
CA MET B 130 8.62 -9.11 0.23
C MET B 130 9.31 -8.29 1.33
N VAL B 131 9.72 -8.97 2.40
CA VAL B 131 10.31 -8.30 3.55
C VAL B 131 11.50 -9.02 4.18
N LEU B 132 12.41 -8.24 4.76
CA LEU B 132 13.56 -8.78 5.45
C LEU B 132 13.43 -8.42 6.93
N HIS B 133 14.00 -9.26 7.80
CA HIS B 133 13.96 -9.05 9.24
C HIS B 133 15.37 -9.33 9.75
N THR B 134 15.98 -8.35 10.40
CA THR B 134 17.35 -8.52 10.88
C THR B 134 17.58 -7.90 12.24
N SER B 135 18.82 -8.01 12.70
CA SER B 135 19.21 -7.40 13.96
C SER B 135 19.41 -5.93 13.62
N ASP B 136 19.74 -5.11 14.61
CA ASP B 136 19.90 -3.68 14.36
C ASP B 136 21.09 -3.34 13.45
N GLY B 137 20.92 -2.29 12.64
CA GLY B 137 21.98 -1.86 11.73
C GLY B 137 21.85 -2.37 10.32
N CYS B 138 20.65 -2.29 9.74
CA CYS B 138 20.43 -2.76 8.38
C CYS B 138 19.28 -2.05 7.68
N THR B 139 19.62 -1.16 6.74
CA THR B 139 18.63 -0.40 5.97
C THR B 139 18.90 -0.59 4.48
N ILE B 140 17.86 -0.45 3.65
CA ILE B 140 17.99 -0.65 2.21
C ILE B 140 17.82 0.61 1.36
N ASP B 141 18.37 0.57 0.14
CA ASP B 141 18.28 1.68 -0.81
C ASP B 141 16.97 1.58 -1.60
N ASN B 142 16.65 2.62 -2.36
CA ASN B 142 15.41 2.65 -3.13
C ASN B 142 15.46 2.23 -4.60
N ASP B 143 16.59 1.77 -5.10
CA ASP B 143 16.64 1.39 -6.50
C ASP B 143 16.97 -0.05 -6.86
N GLY B 144 16.71 -0.40 -8.11
CA GLY B 144 17.00 -1.74 -8.58
C GLY B 144 15.84 -2.71 -8.61
N PHE B 145 14.64 -2.25 -8.23
CA PHE B 145 13.48 -3.12 -8.22
C PHE B 145 12.23 -2.44 -8.80
N THR B 146 11.26 -3.25 -9.24
CA THR B 146 10.04 -2.73 -9.83
C THR B 146 8.96 -2.45 -8.79
N GLY B 147 9.05 -3.11 -7.65
CA GLY B 147 8.06 -2.91 -6.60
C GLY B 147 8.21 -1.56 -5.95
N ASN B 148 7.38 -1.30 -4.94
CA ASN B 148 7.45 -0.03 -4.25
C ASN B 148 7.80 -0.21 -2.77
N LEU B 149 8.90 0.41 -2.36
CA LEU B 149 9.37 0.32 -0.99
C LEU B 149 8.37 0.88 0.02
N LYS B 150 8.13 0.15 1.09
CA LYS B 150 7.20 0.56 2.13
C LYS B 150 7.94 0.98 3.40
N THR B 151 8.89 0.16 3.82
CA THR B 151 9.69 0.43 5.00
C THR B 151 11.15 0.16 4.64
N SER B 152 12.03 1.06 5.07
CA SER B 152 13.46 0.93 4.74
C SER B 152 14.35 0.32 5.82
N ASN B 153 13.85 0.20 7.05
CA ASN B 153 14.66 -0.35 8.13
C ASN B 153 14.30 -1.83 8.41
N CYS B 154 15.26 -2.72 8.21
CA CYS B 154 15.04 -4.15 8.40
C CYS B 154 15.06 -4.61 9.85
N TYR B 155 15.58 -3.77 10.75
CA TYR B 155 15.65 -4.13 12.16
C TYR B 155 14.28 -4.45 12.73
N VAL B 156 14.10 -5.67 13.24
CA VAL B 156 12.82 -6.10 13.78
C VAL B 156 12.29 -5.23 14.90
N TYR B 157 13.17 -4.54 15.60
CA TYR B 157 12.73 -3.68 16.70
C TYR B 157 12.88 -2.20 16.38
N ALA B 158 12.89 -1.87 15.09
CA ALA B 158 13.00 -0.49 14.64
C ALA B 158 11.98 0.35 15.40
N PRO B 159 12.42 1.50 15.95
CA PRO B 159 11.62 2.44 16.72
C PRO B 159 10.33 3.04 16.11
N GLY B 160 10.44 3.69 14.96
CA GLY B 160 9.27 4.31 14.36
C GLY B 160 8.32 3.48 13.53
N GLN B 161 8.59 2.18 13.40
CA GLN B 161 7.74 1.30 12.61
C GLN B 161 6.97 0.33 13.51
N ASP B 162 5.96 -0.32 12.95
CA ASP B 162 5.19 -1.30 13.72
C ASP B 162 6.21 -2.34 14.16
N ALA B 163 5.93 -3.04 15.25
CA ALA B 163 6.85 -4.06 15.73
C ALA B 163 7.06 -5.11 14.65
N ASN B 164 8.33 -5.42 14.39
CA ASN B 164 8.73 -6.43 13.41
C ASN B 164 8.18 -6.21 11.99
N ALA B 165 8.00 -4.95 11.61
CA ALA B 165 7.52 -4.65 10.27
C ALA B 165 8.66 -4.96 9.28
N GLY B 166 9.89 -4.82 9.75
CA GLY B 166 11.04 -5.09 8.91
C GLY B 166 11.09 -4.13 7.73
N CYS B 167 11.95 -4.43 6.75
CA CYS B 167 12.07 -3.59 5.56
C CYS B 167 11.33 -4.30 4.42
N GLY B 168 10.16 -3.78 4.06
CA GLY B 168 9.38 -4.42 3.02
C GLY B 168 9.13 -3.66 1.73
N ILE B 169 9.01 -4.43 0.66
CA ILE B 169 8.73 -3.90 -0.67
C ILE B 169 7.47 -4.57 -1.21
N GLU B 170 6.54 -3.75 -1.68
CA GLU B 170 5.26 -4.24 -2.19
C GLU B 170 5.29 -4.40 -3.71
N ALA B 171 4.94 -5.60 -4.19
CA ALA B 171 4.91 -5.88 -5.62
C ALA B 171 3.85 -4.99 -6.29
N THR B 172 4.05 -4.69 -7.57
CA THR B 172 3.10 -3.84 -8.30
C THR B 172 2.08 -4.65 -9.09
N ASP B 173 2.41 -5.92 -9.35
CA ASP B 173 1.54 -6.80 -10.11
C ASP B 173 0.45 -7.39 -9.19
N PRO B 174 -0.83 -7.14 -9.50
CA PRO B 174 -1.90 -7.69 -8.66
C PRO B 174 -2.02 -9.21 -8.72
N ASN B 175 -1.24 -9.84 -9.60
CA ASN B 175 -1.24 -11.29 -9.72
C ASN B 175 -0.04 -11.89 -8.99
N SER B 176 0.62 -11.08 -8.16
CA SER B 176 1.80 -11.52 -7.42
C SER B 176 1.43 -12.24 -6.13
N TYR B 177 0.15 -12.22 -5.78
CA TYR B 177 -0.29 -12.81 -4.52
C TYR B 177 -1.74 -13.29 -4.53
N GLY B 178 -2.00 -14.29 -3.70
CA GLY B 178 -3.34 -14.82 -3.53
C GLY B 178 -4.23 -15.02 -4.75
N LYS B 179 -5.42 -14.45 -4.66
CA LYS B 179 -6.44 -14.55 -5.70
C LYS B 179 -5.94 -14.34 -7.13
N GLY B 180 -5.32 -13.20 -7.40
CA GLY B 180 -4.82 -12.92 -8.73
C GLY B 180 -3.80 -13.96 -9.17
N PHE B 181 -2.86 -14.26 -8.28
CA PHE B 181 -1.82 -15.24 -8.56
C PHE B 181 -2.43 -16.58 -8.97
N ASN B 182 -3.42 -17.05 -8.23
CA ASN B 182 -4.07 -18.32 -8.55
C ASN B 182 -4.86 -18.27 -9.85
N SER B 183 -5.49 -17.13 -10.13
CA SER B 183 -6.31 -16.99 -11.33
C SER B 183 -5.51 -17.17 -12.62
N ILE B 184 -4.21 -16.88 -12.57
CA ILE B 184 -3.38 -17.03 -13.78
C ILE B 184 -2.59 -18.33 -13.77
N GLY B 185 -2.82 -19.17 -12.76
CA GLY B 185 -2.11 -20.43 -12.69
C GLY B 185 -0.76 -20.28 -12.03
N GLY B 186 -0.64 -19.27 -11.17
CA GLY B 186 0.61 -19.06 -10.45
C GLY B 186 1.76 -18.48 -11.23
N GLY B 187 2.95 -18.94 -10.89
CA GLY B 187 4.15 -18.45 -11.55
C GLY B 187 5.38 -18.87 -10.78
N ILE B 188 6.48 -18.14 -10.97
CA ILE B 188 7.72 -18.49 -10.32
C ILE B 188 8.32 -17.36 -9.49
N TYR B 189 8.78 -17.72 -8.30
CA TYR B 189 9.43 -16.77 -7.40
C TYR B 189 10.85 -17.27 -7.19
N ALA B 190 11.83 -16.43 -7.54
CA ALA B 190 13.22 -16.78 -7.38
C ALA B 190 13.88 -15.75 -6.47
N THR B 191 14.62 -16.22 -5.47
CA THR B 191 15.29 -15.27 -4.60
C THR B 191 16.75 -15.65 -4.48
N GLU B 192 17.61 -14.66 -4.70
CA GLU B 192 19.04 -14.86 -4.65
C GLU B 192 19.63 -14.18 -3.43
N ILE B 193 20.46 -14.92 -2.70
CA ILE B 193 21.11 -14.40 -1.49
C ILE B 193 22.62 -14.37 -1.73
N THR B 194 23.22 -13.19 -1.62
CA THR B 194 24.66 -13.06 -1.82
C THR B 194 25.23 -12.18 -0.71
N PRO B 195 26.56 -12.06 -0.64
CA PRO B 195 27.13 -11.22 0.41
C PRO B 195 26.92 -9.73 0.14
N ASN B 196 26.36 -9.41 -1.02
CA ASN B 196 26.11 -8.02 -1.40
C ASN B 196 24.64 -7.64 -1.34
N GLY B 197 23.78 -8.60 -1.02
CA GLY B 197 22.36 -8.30 -0.96
C GLY B 197 21.44 -9.44 -1.33
N ILE B 198 20.16 -9.13 -1.36
CA ILE B 198 19.12 -10.10 -1.68
C ILE B 198 18.18 -9.57 -2.74
N SER B 199 17.84 -10.41 -3.71
CA SER B 199 16.94 -10.02 -4.80
C SER B 199 15.86 -11.08 -4.99
N ILE B 200 14.63 -10.61 -5.22
CA ILE B 200 13.51 -11.52 -5.42
C ILE B 200 12.79 -11.19 -6.73
N TRP B 201 12.69 -12.19 -7.61
CA TRP B 201 12.03 -12.04 -8.89
C TRP B 201 10.67 -12.75 -8.89
N PHE B 202 9.67 -12.13 -9.50
CA PHE B 202 8.37 -12.76 -9.62
C PHE B 202 8.04 -12.87 -11.11
N PHE B 203 7.92 -14.10 -11.60
CA PHE B 203 7.60 -14.35 -13.00
C PHE B 203 6.21 -14.95 -13.13
N PRO B 204 5.20 -14.14 -13.51
CA PRO B 204 3.86 -14.72 -13.64
C PRO B 204 3.88 -15.87 -14.66
N ARG B 205 3.01 -16.85 -14.47
CA ARG B 205 2.92 -18.01 -15.34
C ARG B 205 3.23 -17.75 -16.82
N GLY B 206 4.26 -18.42 -17.33
CA GLY B 206 4.64 -18.28 -18.73
C GLY B 206 5.61 -17.19 -19.13
N SER B 207 5.98 -16.30 -18.21
CA SER B 207 6.90 -15.21 -18.52
C SER B 207 8.30 -15.41 -17.95
N GLU B 208 8.53 -16.57 -17.35
CA GLU B 208 9.83 -16.85 -16.74
C GLU B 208 10.93 -17.03 -17.78
N PRO B 209 12.18 -16.74 -17.40
CA PRO B 209 13.28 -16.90 -18.36
C PRO B 209 13.46 -18.39 -18.67
N GLY B 210 14.03 -18.68 -19.83
CA GLY B 210 14.22 -20.07 -20.23
C GLY B 210 15.21 -20.90 -19.44
N ASP B 211 15.85 -20.31 -18.44
CA ASP B 211 16.82 -21.04 -17.66
C ASP B 211 16.53 -21.09 -16.16
N VAL B 212 15.43 -20.46 -15.75
CA VAL B 212 15.07 -20.41 -14.33
C VAL B 212 14.82 -21.78 -13.69
N LEU B 213 14.39 -22.74 -14.49
CA LEU B 213 14.11 -24.08 -13.98
C LEU B 213 15.18 -25.10 -14.38
N GLY B 214 16.13 -24.66 -15.22
CA GLY B 214 17.19 -25.53 -15.70
C GLY B 214 18.29 -25.92 -14.73
N ASP B 215 19.39 -26.40 -15.30
CA ASP B 215 20.54 -26.84 -14.52
C ASP B 215 21.50 -25.73 -14.12
N ASN B 216 21.45 -24.61 -14.82
CA ASN B 216 22.35 -23.50 -14.50
C ASN B 216 21.73 -22.14 -14.79
N PRO B 217 20.78 -21.72 -13.93
CA PRO B 217 20.11 -20.43 -14.09
C PRO B 217 21.06 -19.26 -13.85
N ASN B 218 20.86 -18.17 -14.59
CA ASN B 218 21.72 -16.99 -14.45
C ASN B 218 20.90 -15.71 -14.26
N PRO B 219 20.73 -15.28 -13.00
CA PRO B 219 19.98 -14.09 -12.61
C PRO B 219 20.52 -12.80 -13.22
N ALA B 220 21.78 -12.81 -13.62
CA ALA B 220 22.39 -11.63 -14.22
C ALA B 220 21.66 -11.17 -15.47
N ASN B 221 21.11 -12.11 -16.23
CA ASN B 221 20.40 -11.76 -17.46
C ASN B 221 18.87 -11.75 -17.36
N TRP B 222 18.34 -11.73 -16.14
CA TRP B 222 16.89 -11.70 -15.96
C TRP B 222 16.40 -10.26 -15.87
N ASP B 223 15.10 -10.06 -16.08
CA ASP B 223 14.53 -8.72 -16.00
C ASP B 223 14.72 -8.17 -14.59
N THR B 224 14.34 -6.91 -14.39
CA THR B 224 14.47 -6.27 -13.09
C THR B 224 13.68 -7.02 -12.02
N PRO B 225 14.28 -7.27 -10.85
CA PRO B 225 13.58 -7.98 -9.78
C PRO B 225 12.46 -7.15 -9.17
N ALA B 226 11.45 -7.83 -8.63
CA ALA B 226 10.32 -7.17 -8.00
C ALA B 226 10.77 -6.43 -6.75
N ALA B 227 11.76 -7.01 -6.07
CA ALA B 227 12.30 -6.40 -4.87
C ALA B 227 13.79 -6.67 -4.75
N LYS B 228 14.55 -5.64 -4.36
CA LYS B 228 15.98 -5.80 -4.17
C LYS B 228 16.34 -5.13 -2.86
N PHE B 229 17.13 -5.83 -2.05
CA PHE B 229 17.56 -5.35 -0.76
C PHE B 229 19.08 -5.23 -0.77
N ALA B 230 19.57 -4.00 -0.84
CA ALA B 230 21.01 -3.77 -0.87
C ALA B 230 21.34 -2.34 -0.44
N GLY B 231 22.63 -2.02 -0.44
CA GLY B 231 23.05 -0.68 -0.06
C GLY B 231 24.13 -0.74 1.01
N GLY B 232 24.83 0.38 1.20
CA GLY B 232 25.89 0.43 2.18
C GLY B 232 25.38 0.53 3.60
N GLY B 233 24.05 0.58 3.75
CA GLY B 233 23.48 0.70 5.08
C GLY B 233 23.23 -0.63 5.77
N CYS B 234 23.84 -1.70 5.28
CA CYS B 234 23.66 -3.01 5.88
C CYS B 234 24.81 -3.95 5.57
N ASP B 235 25.22 -4.73 6.58
CA ASP B 235 26.29 -5.71 6.39
C ASP B 235 25.56 -6.98 5.94
N TRP B 236 25.22 -7.03 4.66
CA TRP B 236 24.50 -8.17 4.09
C TRP B 236 25.07 -9.53 4.42
N GLU B 237 26.39 -9.63 4.47
CA GLU B 237 27.03 -10.91 4.75
C GLU B 237 26.84 -11.35 6.21
N GLY B 238 26.92 -10.40 7.13
CA GLY B 238 26.78 -10.74 8.54
C GLY B 238 25.39 -10.82 9.12
N LYS B 239 24.44 -10.10 8.52
CA LYS B 239 23.07 -10.10 9.00
C LYS B 239 22.32 -11.38 8.64
N PHE B 240 22.85 -12.16 7.70
CA PHE B 240 22.21 -13.39 7.29
C PHE B 240 23.14 -14.59 7.30
N ASN B 241 22.74 -15.66 7.97
CA ASN B 241 23.54 -16.89 8.01
C ASN B 241 22.80 -17.99 7.27
N ALA B 242 23.05 -19.25 7.65
CA ALA B 242 22.41 -20.38 6.99
C ALA B 242 20.88 -20.29 7.12
N GLN B 243 20.19 -20.28 5.98
CA GLN B 243 18.73 -20.18 5.97
C GLN B 243 18.00 -21.48 5.71
N ARG B 244 16.89 -21.70 6.42
CA ARG B 244 16.07 -22.89 6.17
C ARG B 244 14.76 -22.39 5.57
N LEU B 245 14.21 -23.15 4.62
CA LEU B 245 12.98 -22.77 3.93
C LEU B 245 11.75 -23.14 4.73
N ILE B 246 10.76 -22.25 4.75
CA ILE B 246 9.55 -22.49 5.49
C ILE B 246 8.25 -22.20 4.74
N PHE B 247 7.30 -23.13 4.87
CA PHE B 247 5.98 -22.99 4.27
C PHE B 247 5.00 -23.00 5.43
N ASP B 248 4.08 -22.04 5.48
CA ASP B 248 3.09 -22.05 6.55
C ASP B 248 1.88 -21.21 6.21
N VAL B 249 0.80 -21.49 6.93
CA VAL B 249 -0.42 -20.71 6.81
C VAL B 249 -0.93 -20.62 8.24
N THR B 250 -0.88 -19.43 8.82
CA THR B 250 -1.42 -19.28 10.17
C THR B 250 -2.70 -18.46 10.01
N PHE B 251 -3.41 -18.22 11.11
CA PHE B 251 -4.66 -17.46 11.08
C PHE B 251 -4.64 -16.39 12.17
N CYS B 252 -5.23 -15.24 11.88
CA CYS B 252 -5.29 -14.14 12.83
C CYS B 252 -3.89 -13.83 13.38
N GLY B 253 -3.74 -13.78 14.69
CA GLY B 253 -2.44 -13.52 15.27
C GLY B 253 -1.95 -12.08 15.24
N ASP B 254 -0.67 -11.89 15.53
CA ASP B 254 -0.07 -10.56 15.59
C ASP B 254 -0.39 -9.62 14.43
N TRP B 255 -0.27 -10.09 13.19
CA TRP B 255 -0.55 -9.23 12.05
C TRP B 255 -2.01 -9.31 11.60
N ALA B 256 -2.38 -10.43 10.96
CA ALA B 256 -3.73 -10.62 10.46
C ALA B 256 -4.85 -10.36 11.47
N GLY B 257 -4.69 -10.86 12.69
CA GLY B 257 -5.70 -10.68 13.71
C GLY B 257 -5.87 -9.24 14.17
N ASN B 258 -4.77 -8.50 14.24
CA ASN B 258 -4.82 -7.11 14.68
C ASN B 258 -5.31 -6.13 13.62
N VAL B 259 -5.14 -6.47 12.34
CA VAL B 259 -5.60 -5.57 11.28
C VAL B 259 -6.94 -6.04 10.71
N TRP B 260 -7.44 -7.14 11.22
CA TRP B 260 -8.72 -7.68 10.78
C TRP B 260 -9.84 -6.64 10.79
N GLY B 261 -9.96 -5.91 11.90
CA GLY B 261 -11.00 -4.92 12.04
C GLY B 261 -10.87 -3.61 11.29
N ILE B 262 -9.77 -3.38 10.59
CA ILE B 262 -9.62 -2.12 9.86
C ILE B 262 -9.72 -2.24 8.35
N GLY B 263 -9.67 -3.47 7.82
CA GLY B 263 -9.73 -3.65 6.38
C GLY B 263 -11.05 -4.13 5.79
N GLY B 264 -10.97 -4.68 4.59
CA GLY B 264 -12.15 -5.18 3.91
C GLY B 264 -12.77 -6.43 4.50
N CYS B 265 -12.12 -7.02 5.49
CA CYS B 265 -12.67 -8.23 6.11
C CYS B 265 -13.45 -7.91 7.38
N ALA B 266 -13.32 -6.68 7.86
CA ALA B 266 -13.99 -6.24 9.09
C ALA B 266 -15.47 -6.56 9.18
N SER B 267 -16.18 -6.52 8.05
CA SER B 267 -17.62 -6.78 8.05
C SER B 267 -18.01 -8.25 8.11
N ARG B 268 -17.05 -9.15 7.91
CA ARG B 268 -17.34 -10.59 7.91
C ARG B 268 -17.66 -11.14 9.30
N ALA B 269 -17.10 -10.51 10.32
CA ALA B 269 -17.32 -10.95 11.70
C ALA B 269 -16.70 -9.96 12.67
N ALA B 270 -17.17 -9.99 13.92
CA ALA B 270 -16.66 -9.09 14.95
C ALA B 270 -15.16 -9.23 15.12
N ASN B 271 -14.68 -10.47 15.21
CA ASN B 271 -13.26 -10.75 15.38
C ASN B 271 -12.78 -11.75 14.35
N CYS B 272 -11.47 -11.75 14.10
CA CYS B 272 -10.85 -12.68 13.17
C CYS B 272 -11.06 -14.11 13.66
N VAL B 273 -10.81 -14.33 14.95
CA VAL B 273 -10.95 -15.65 15.54
C VAL B 273 -12.33 -16.27 15.36
N ASP B 274 -13.38 -15.48 15.54
CA ASP B 274 -14.74 -16.01 15.38
C ASP B 274 -14.97 -16.47 13.96
N PHE B 275 -14.51 -15.67 13.01
CA PHE B 275 -14.66 -16.01 11.61
C PHE B 275 -13.94 -17.30 11.25
N VAL B 276 -12.68 -17.40 11.66
CA VAL B 276 -11.87 -18.57 11.36
C VAL B 276 -12.41 -19.83 12.02
N ARG B 277 -12.96 -19.67 13.22
CA ARG B 277 -13.51 -20.80 13.94
C ARG B 277 -14.81 -21.31 13.33
N ASP B 278 -15.71 -20.39 13.00
CA ASP B 278 -17.04 -20.77 12.50
C ASP B 278 -17.28 -20.86 10.99
N ASN B 279 -16.28 -20.55 10.17
CA ASN B 279 -16.50 -20.61 8.72
C ASN B 279 -15.44 -21.44 8.01
N PRO B 280 -15.40 -22.75 8.29
CA PRO B 280 -14.40 -23.61 7.65
C PRO B 280 -14.33 -23.51 6.12
N SER B 281 -15.49 -23.49 5.47
CA SER B 281 -15.54 -23.43 4.00
C SER B 281 -14.84 -22.22 3.36
N ALA B 282 -14.62 -21.17 4.13
CA ALA B 282 -13.95 -19.98 3.58
C ALA B 282 -12.49 -20.25 3.20
N PHE B 283 -11.92 -21.32 3.76
CA PHE B 283 -10.50 -21.62 3.56
C PHE B 283 -10.08 -22.66 2.51
N ALA B 284 -11.00 -23.04 1.62
CA ALA B 284 -10.66 -24.01 0.59
C ALA B 284 -9.50 -23.55 -0.30
N GLU B 285 -9.38 -22.25 -0.51
CA GLU B 285 -8.32 -21.71 -1.36
C GLU B 285 -6.97 -21.51 -0.68
N SER B 286 -6.92 -21.74 0.62
CA SER B 286 -5.69 -21.54 1.37
C SER B 286 -4.72 -22.71 1.27
N TYR B 287 -4.19 -22.95 0.08
CA TYR B 287 -3.26 -24.06 -0.12
C TYR B 287 -2.14 -23.77 -1.10
N TRP B 288 -1.02 -24.43 -0.89
CA TRP B 288 0.15 -24.32 -1.77
C TRP B 288 0.05 -25.50 -2.71
N LEU B 289 0.50 -25.31 -3.95
CA LEU B 289 0.52 -26.39 -4.92
C LEU B 289 1.83 -26.16 -5.66
N VAL B 290 2.83 -26.94 -5.29
CA VAL B 290 4.17 -26.80 -5.85
C VAL B 290 4.50 -27.63 -7.08
N ASN B 291 4.96 -26.97 -8.13
CA ASN B 291 5.39 -27.67 -9.34
C ASN B 291 6.81 -28.13 -9.09
N SER B 292 7.62 -27.23 -8.52
CA SER B 292 9.01 -27.55 -8.20
C SER B 292 9.66 -26.55 -7.24
N LEU B 293 10.59 -27.05 -6.46
CA LEU B 293 11.36 -26.25 -5.51
C LEU B 293 12.80 -26.72 -5.66
N ARG B 294 13.68 -25.80 -6.06
CA ARG B 294 15.08 -26.16 -6.25
C ARG B 294 15.99 -25.06 -5.73
N VAL B 295 17.06 -25.47 -5.05
CA VAL B 295 18.01 -24.53 -4.48
C VAL B 295 19.35 -24.70 -5.19
N TYR B 296 19.96 -23.58 -5.55
CA TYR B 296 21.24 -23.57 -6.25
C TYR B 296 22.28 -22.84 -5.41
N ALA B 297 23.54 -23.17 -5.65
CA ALA B 297 24.63 -22.53 -4.93
C ALA B 297 25.62 -22.00 -5.96
N PRO B 298 26.27 -20.87 -5.66
CA PRO B 298 27.22 -20.32 -6.63
C PRO B 298 28.53 -21.13 -6.60
C2 BGC C . -3.16 10.29 9.58
C3 BGC C . -1.90 9.41 9.68
C4 BGC C . -2.14 8.06 8.95
C5 BGC C . -2.50 8.36 7.48
C6 BGC C . -2.77 7.03 6.74
C1 BGC C . -3.47 10.52 8.08
O1 BGC C . -4.64 11.32 7.96
O2 BGC C . -2.96 11.55 10.24
O3 BGC C . -1.57 9.17 11.07
O4 BGC C . -0.99 7.20 9.03
O5 BGC C . -3.67 9.23 7.40
O6 BGC C . -3.25 5.68 6.94
C2 BGC C . -0.41 9.57 13.06
C3 BGC C . 1.05 9.58 13.50
C4 BGC C . 1.67 8.15 13.25
C5 BGC C . 1.55 7.84 11.74
C6 BGC C . 2.13 6.44 11.43
C1 BGC C . -0.44 9.24 11.57
O2 BGC C . -0.98 10.87 13.32
O3 BGC C . 1.11 9.91 14.90
O4 BGC C . 3.06 8.07 13.61
O5 BGC C . 0.15 7.92 11.28
O6 BGC C . 1.38 5.39 12.07
C2 BGC C . 4.84 7.06 14.93
C3 BGC C . 5.28 6.72 16.35
C4 BGC C . 5.30 8.04 17.19
C5 BGC C . 3.87 8.67 17.18
C6 BGC C . 3.87 9.99 17.97
C1 BGC C . 3.45 7.73 14.96
O2 BGC C . 4.81 5.87 14.11
O3 BGC C . 6.58 6.09 16.33
O4 BGC C . 5.73 7.75 18.54
O5 BGC C . 3.49 8.94 15.79
O6 BGC C . 2.56 10.57 17.96
C1 GLC D . -7.64 15.20 5.97
C2 GLC D . -7.25 15.53 7.41
C3 GLC D . -6.96 17.02 7.53
C4 GLC D . -5.89 17.39 6.53
C5 GLC D . -6.41 17.05 5.14
C6 GLC D . -5.41 17.50 4.07
O1 GLC D . -8.90 15.80 5.67
O2 GLC D . -8.35 15.20 8.27
O3 GLC D . -6.49 17.31 8.85
O4 GLC D . -5.61 18.80 6.62
O5 GLC D . -6.62 15.63 5.06
O6 GLC D . -4.17 16.79 4.25
C2 BGC D . -7.05 17.90 11.11
C3 BGC D . -8.18 18.39 12.00
C4 BGC D . -8.71 19.70 11.41
C5 BGC D . -9.18 19.44 9.99
C6 BGC D . -9.73 20.74 9.40
C1 BGC D . -7.57 17.73 9.68
O2 BGC D . -6.59 16.62 11.59
O3 BGC D . -7.65 18.65 13.31
O4 BGC D . -9.79 20.21 12.19
O5 BGC D . -8.07 18.99 9.20
O6 BGC D . -8.70 21.73 9.38
C2 BGC D . -10.13 22.33 13.31
C3 BGC D . -9.43 23.29 14.25
C4 BGC D . -9.19 22.60 15.58
C5 BGC D . -8.39 21.34 15.33
C6 BGC D . -8.16 20.58 16.66
C1 BGC D . -9.23 21.11 13.15
O2 BGC D . -10.32 22.95 12.03
O3 BGC D . -10.25 24.46 14.44
O4 BGC D . -8.43 23.48 16.41
O5 BGC D . -9.08 20.46 14.42
O6 BGC D . -8.82 19.32 16.61
C2 BGC E . 4.12 -7.13 11.79
C3 BGC E . 2.84 -6.27 11.79
C4 BGC E . 2.97 -5.15 10.73
C5 BGC E . 3.21 -5.79 9.35
C6 BGC E . 3.36 -4.70 8.29
C1 BGC E . 4.33 -7.72 10.37
O1 BGC E . 5.52 -8.48 10.34
O2 BGC E . 4.02 -8.18 12.76
O3 BGC E . 2.62 -5.69 13.13
O4 BGC E . 1.78 -4.33 10.69
O5 BGC E . 4.41 -6.63 9.37
O6 BGC E . 4.15 -3.54 7.97
C2 BGC E . 1.67 -5.50 15.25
C3 BGC E . 0.25 -5.34 15.80
C4 BGC E . -0.38 -4.03 15.21
C5 BGC E . -0.41 -4.16 13.67
C6 BGC E . -1.03 -2.88 13.04
C1 BGC E . 1.54 -5.61 13.72
O2 BGC E . 2.25 -6.69 15.80
O3 BGC E . 0.31 -5.27 17.23
O4 BGC E . -1.75 -3.83 15.65
O5 BGC E . 0.93 -4.39 13.14
O6 BGC E . -0.29 -1.70 13.38
C2 BGC E . -3.40 -2.51 16.79
C3 BGC E . -3.72 -1.78 18.10
C4 BGC E . -3.63 -2.80 19.27
C5 BGC E . -2.19 -3.40 19.29
C6 BGC E . -2.07 -4.43 20.41
C1 BGC E . -2.00 -3.13 16.88
O2 BGC E . -3.48 -1.59 15.69
O3 BGC E . -5.04 -1.21 18.00
O4 BGC E . -3.94 -2.13 20.52
O5 BGC E . -1.93 -4.05 18.00
O6 BGC E . -0.74 -4.97 20.42
C1 GLC F . 8.44 -12.96 9.21
C2 GLC F . 8.19 -12.85 10.70
C3 GLC F . 7.91 -14.22 11.30
C4 GLC F . 6.76 -14.85 10.55
C5 GLC F . 7.14 -14.95 9.09
C6 GLC F . 6.04 -15.66 8.30
O1 GLC F . 9.68 -13.66 8.96
O2 GLC F . 9.36 -12.29 11.33
O3 GLC F . 7.56 -14.08 12.69
O4 GLC F . 6.48 -16.15 11.09
O5 GLC F . 7.34 -13.62 8.56
O6 GLC F . 4.82 -14.92 8.38
C2 BGC F . 8.34 -14.07 14.97
C3 BGC F . 9.51 -14.38 15.87
C4 BGC F . 9.99 -15.80 15.58
C5 BGC F . 10.32 -15.92 14.10
C6 BGC F . 10.83 -17.34 13.81
C1 BGC F . 8.72 -14.31 13.51
O2 BGC F . 7.97 -12.68 15.14
O3 BGC F . 9.08 -14.27 17.23
O4 BGC F . 11.13 -16.12 16.38
O5 BGC F . 9.14 -15.67 13.33
O6 BGC F . 9.83 -18.30 14.14
C2 BGC F . 11.58 -17.76 18.10
C3 BGC F . 10.92 -18.36 19.33
C4 BGC F . 10.86 -17.27 20.39
C5 BGC F . 10.01 -16.13 19.83
C6 BGC F . 9.94 -14.99 20.84
C1 BGC F . 10.66 -16.65 17.62
O2 BGC F . 11.73 -18.76 17.09
O3 BGC F . 11.64 -19.51 19.80
O4 BGC F . 10.26 -17.78 21.58
O5 BGC F . 10.60 -15.63 18.62
O6 BGC F . 11.24 -14.40 21.00
#